data_5AC0
#
_entry.id   5AC0
#
_cell.length_a   93.556
_cell.length_b   150.644
_cell.length_c   80.677
_cell.angle_alpha   90.00
_cell.angle_beta   90.00
_cell.angle_gamma   90.00
#
_symmetry.space_group_name_H-M   'P 21 21 2'
#
loop_
_entity.id
_entity.type
_entity.pdbx_description
1 polymer 'RETINAL DEHYDROGENASE 1'
2 non-polymer NICOTINAMIDE-ADENINE-DINUCLEOTIDE
3 non-polymer 1-[(1S)-1-methyl-5-oxidanyl-1,2-dihydrobenzo[e]indol-3-yl]hexan-1-one
4 non-polymer 'MAGNESIUM ION'
5 water water
#
_entity_poly.entity_id   1
_entity_poly.type   'polypeptide(L)'
_entity_poly.pdbx_seq_one_letter_code
;MSSSAMPDVPAPLTNLQFKYTKIFINNEWHSSVSGKKFPVFNPATEEKLCEVEEGDKEDVDKAVKAARQAFQIGSPWRTM
DASERGRLLNKLADLIERDRLLLATMEAMNGGKLFSNAYLMDLGGCIKTLRYCAGWADKIQGRTIPMDGNFFTYTRSEPV
GVCGQIIPWNFPLLMFLWKIGPALSCGNTVVVKPAEQTPLTALHMGSLIKEAGFPPGVVNIVPGYGPTAGAAISSHMDVD
KVAFTGSTEVGKLIKEAAGKSNLKRVSLELGGKSPCIVFADADLDNAVEFAHQGVFYHQGQCCIAASRLFVEESIYDEFV
RRSVERAKKYVLGNPLTPGVSQGPQIDKEQYEKILDLIESGKKEGAKLECGGGPWGNKGYFIQPTVFSDVTDDMRIAKEE
IFGPVQQIMKFKSLDDVIKRANNTFYGLSAGIFTNDIDKAITVSSALQSGTVWVNCYSVVSAQCPFGGFKMSGNGRELGE
YGFHEYTEVKTVTIKISQKNS
;
_entity_poly.pdbx_strand_id   A,B
#
loop_
_chem_comp.id
_chem_comp.type
_chem_comp.name
_chem_comp.formula
K9P non-polymer 1-[(1S)-1-methyl-5-oxidanyl-1,2-dihydrobenzo[e]indol-3-yl]hexan-1-one 'C19 H23 N O2'
MG non-polymer 'MAGNESIUM ION' 'Mg 2'
NAD non-polymer NICOTINAMIDE-ADENINE-DINUCLEOTIDE 'C21 H27 N7 O14 P2'
#
# COMPACT_ATOMS: atom_id res chain seq x y z
N ASP A 8 16.63 -13.36 36.26
CA ASP A 8 17.90 -14.06 36.35
C ASP A 8 18.60 -14.03 35.00
N VAL A 9 19.61 -13.17 34.92
CA VAL A 9 20.23 -12.87 33.66
C VAL A 9 21.67 -13.32 33.77
N PRO A 10 22.21 -14.05 32.81
CA PRO A 10 23.59 -14.44 32.96
C PRO A 10 24.58 -13.31 32.71
N ALA A 11 25.83 -13.56 33.03
CA ALA A 11 26.84 -12.58 32.77
C ALA A 11 27.05 -12.53 31.26
N PRO A 12 27.34 -11.34 30.71
CA PRO A 12 27.55 -11.24 29.29
C PRO A 12 28.83 -11.92 28.92
N LEU A 13 29.01 -12.28 27.65
CA LEU A 13 30.28 -12.82 27.22
C LEU A 13 31.17 -11.61 27.15
N THR A 14 32.46 -11.79 27.29
CA THR A 14 33.33 -10.64 27.45
C THR A 14 34.33 -10.55 26.32
N ASN A 15 34.74 -11.69 25.83
CA ASN A 15 35.88 -11.78 24.92
C ASN A 15 35.37 -12.20 23.55
N LEU A 16 34.18 -11.69 23.19
CA LEU A 16 33.43 -12.20 22.03
C LEU A 16 34.30 -12.14 20.75
N GLN A 17 34.42 -13.24 20.03
CA GLN A 17 35.15 -13.27 18.76
C GLN A 17 34.13 -13.26 17.61
N PHE A 18 34.42 -12.55 16.50
CA PHE A 18 33.47 -12.41 15.42
C PHE A 18 33.79 -13.41 14.35
N LYS A 19 32.75 -13.90 13.68
CA LYS A 19 32.83 -14.97 12.70
C LYS A 19 32.11 -14.64 11.39
N TYR A 20 30.93 -14.06 11.49
CA TYR A 20 30.07 -13.83 10.31
C TYR A 20 30.17 -12.34 10.02
N THR A 21 30.93 -12.06 8.96
CA THR A 21 31.25 -10.72 8.55
C THR A 21 31.08 -10.47 7.08
N LYS A 22 30.44 -11.37 6.38
CA LYS A 22 30.37 -11.36 4.93
C LYS A 22 28.92 -11.18 4.42
N ILE A 23 28.79 -11.15 3.12
CA ILE A 23 27.48 -11.01 2.48
C ILE A 23 26.85 -12.41 2.39
N PHE A 24 25.57 -12.55 2.70
CA PHE A 24 24.93 -13.87 2.76
C PHE A 24 23.97 -14.02 1.57
N ILE A 25 24.33 -14.87 0.64
CA ILE A 25 23.55 -15.11 -0.54
C ILE A 25 23.50 -16.60 -0.83
N ASN A 26 22.32 -17.12 -1.10
CA ASN A 26 22.16 -18.55 -1.29
C ASN A 26 22.77 -19.41 -0.21
N ASN A 27 22.61 -19.01 1.02
CA ASN A 27 23.12 -19.70 2.16
C ASN A 27 24.66 -19.84 2.20
N GLU A 28 25.36 -18.96 1.48
CA GLU A 28 26.78 -18.93 1.46
C GLU A 28 27.27 -17.55 1.80
N TRP A 29 28.50 -17.49 2.30
CA TRP A 29 29.18 -16.23 2.68
C TRP A 29 30.11 -15.79 1.52
N HIS A 30 29.95 -14.56 1.06
CA HIS A 30 30.64 -13.96 -0.07
C HIS A 30 31.34 -12.67 0.38
N SER A 31 32.47 -12.44 -0.22
CA SER A 31 33.14 -11.17 -0.22
C SER A 31 32.34 -10.20 -1.05
N SER A 32 32.51 -8.92 -0.76
CA SER A 32 31.91 -7.89 -1.57
C SER A 32 32.51 -7.98 -2.97
N VAL A 33 31.70 -7.66 -3.97
CA VAL A 33 32.21 -7.66 -5.32
C VAL A 33 33.43 -6.70 -5.48
N SER A 34 33.35 -5.51 -4.92
CA SER A 34 34.45 -4.56 -4.87
C SER A 34 35.65 -4.97 -4.06
N GLY A 35 35.45 -5.87 -3.09
CA GLY A 35 36.46 -6.18 -2.07
C GLY A 35 36.50 -5.21 -0.95
N LYS A 36 35.79 -4.10 -1.02
CA LYS A 36 35.85 -3.21 0.13
C LYS A 36 35.12 -3.76 1.37
N LYS A 37 35.55 -3.25 2.51
CA LYS A 37 34.95 -3.57 3.80
C LYS A 37 34.76 -2.29 4.57
N PHE A 38 33.95 -2.32 5.59
CA PHE A 38 33.72 -1.13 6.37
C PHE A 38 33.77 -1.57 7.86
N PRO A 39 34.16 -0.65 8.75
CA PRO A 39 34.33 -0.95 10.13
C PRO A 39 33.02 -0.80 10.93
N VAL A 40 32.94 -1.57 11.99
CA VAL A 40 31.85 -1.56 12.92
C VAL A 40 32.41 -1.35 14.31
N PHE A 41 31.78 -0.45 15.04
CA PHE A 41 32.28 0.08 16.33
C PHE A 41 31.37 -0.23 17.50
N ASN A 42 31.96 -0.17 18.71
CA ASN A 42 31.26 -0.18 19.94
C ASN A 42 31.04 1.27 20.29
N PRO A 43 29.78 1.73 20.37
CA PRO A 43 29.49 3.12 20.72
C PRO A 43 29.80 3.55 22.10
N ALA A 44 29.96 2.61 23.04
CA ALA A 44 30.32 2.97 24.40
C ALA A 44 31.84 3.23 24.54
N THR A 45 32.65 2.65 23.67
CA THR A 45 34.08 2.74 23.82
C THR A 45 34.76 3.36 22.64
N GLU A 46 34.04 3.42 21.54
CA GLU A 46 34.62 3.80 20.26
C GLU A 46 35.68 2.84 19.70
N GLU A 47 35.84 1.65 20.23
CA GLU A 47 36.72 0.67 19.66
C GLU A 47 36.06 -0.01 18.44
N LYS A 48 36.91 -0.40 17.49
CA LYS A 48 36.50 -1.18 16.36
C LYS A 48 36.24 -2.64 16.80
N LEU A 49 35.03 -3.16 16.49
CA LEU A 49 34.66 -4.54 16.79
C LEU A 49 35.24 -5.47 15.73
N CYS A 50 34.99 -5.16 14.46
CA CYS A 50 35.53 -5.89 13.36
C CYS A 50 35.22 -5.12 12.09
N GLU A 51 35.61 -5.68 10.94
CA GLU A 51 35.21 -5.17 9.67
C GLU A 51 34.24 -6.10 8.96
N VAL A 52 33.37 -5.50 8.14
CA VAL A 52 32.31 -6.25 7.40
C VAL A 52 32.41 -5.97 5.93
N GLU A 53 32.09 -6.97 5.11
CA GLU A 53 32.10 -6.75 3.68
C GLU A 53 31.11 -5.61 3.35
N GLU A 54 31.53 -4.68 2.48
CA GLU A 54 30.71 -3.56 2.11
C GLU A 54 29.90 -3.85 0.88
N GLY A 55 28.63 -4.20 1.07
CA GLY A 55 27.77 -4.50 -0.06
C GLY A 55 27.32 -3.20 -0.78
N ASP A 56 27.16 -3.31 -2.08
CA ASP A 56 26.74 -2.19 -2.92
C ASP A 56 25.84 -2.79 -3.96
N LYS A 57 25.53 -2.01 -4.97
CA LYS A 57 24.59 -2.37 -6.02
C LYS A 57 24.82 -3.76 -6.62
N GLU A 58 26.06 -4.06 -6.93
CA GLU A 58 26.44 -5.28 -7.58
CA GLU A 58 26.35 -5.33 -7.59
C GLU A 58 26.11 -6.50 -6.65
N ASP A 59 26.31 -6.33 -5.35
CA ASP A 59 25.99 -7.38 -4.35
C ASP A 59 24.46 -7.55 -4.17
N VAL A 60 23.77 -6.42 -4.14
CA VAL A 60 22.32 -6.46 -4.11
C VAL A 60 21.77 -7.19 -5.33
N ASP A 61 22.34 -6.92 -6.51
CA ASP A 61 21.88 -7.63 -7.74
C ASP A 61 22.03 -9.14 -7.66
N LYS A 62 23.15 -9.63 -7.13
CA LYS A 62 23.28 -11.08 -6.90
C LYS A 62 22.26 -11.59 -5.90
N ALA A 63 22.04 -10.86 -4.82
CA ALA A 63 21.09 -11.27 -3.80
C ALA A 63 19.67 -11.34 -4.38
N VAL A 64 19.31 -10.34 -5.17
CA VAL A 64 17.99 -10.32 -5.80
C VAL A 64 17.83 -11.47 -6.76
N LYS A 65 18.85 -11.78 -7.55
CA LYS A 65 18.77 -12.99 -8.40
C LYS A 65 18.53 -14.27 -7.62
N ALA A 66 19.25 -14.41 -6.50
CA ALA A 66 19.11 -15.56 -5.64
C ALA A 66 17.65 -15.66 -5.11
N ALA A 67 17.13 -14.57 -4.59
CA ALA A 67 15.76 -14.51 -4.06
C ALA A 67 14.70 -14.82 -5.11
N ARG A 68 14.91 -14.31 -6.31
CA ARG A 68 14.04 -14.56 -7.44
C ARG A 68 14.05 -16.02 -7.84
N GLN A 69 15.21 -16.64 -7.90
CA GLN A 69 15.29 -18.07 -8.23
C GLN A 69 14.62 -18.91 -7.16
N ALA A 70 14.84 -18.59 -5.90
CA ALA A 70 14.16 -19.33 -4.84
C ALA A 70 12.65 -19.20 -4.82
N PHE A 71 12.11 -18.17 -5.47
CA PHE A 71 10.69 -17.91 -5.50
C PHE A 71 9.98 -18.48 -6.78
N GLN A 72 10.75 -19.07 -7.70
CA GLN A 72 10.17 -19.66 -8.92
C GLN A 72 9.18 -20.78 -8.59
N ILE A 73 8.09 -20.79 -9.33
CA ILE A 73 7.12 -21.89 -9.34
C ILE A 73 7.92 -23.20 -9.42
N GLY A 74 7.56 -24.20 -8.62
CA GLY A 74 8.28 -25.49 -8.59
C GLY A 74 9.46 -25.57 -7.62
N SER A 75 9.90 -24.44 -7.04
CA SER A 75 11.11 -24.45 -6.20
C SER A 75 10.79 -25.04 -4.84
N PRO A 76 11.79 -25.46 -4.07
CA PRO A 76 11.47 -26.00 -2.74
C PRO A 76 10.64 -25.04 -1.84
N TRP A 77 10.94 -23.76 -1.90
CA TRP A 77 10.25 -22.80 -1.00
C TRP A 77 8.83 -22.58 -1.48
N ARG A 78 8.59 -22.66 -2.78
CA ARG A 78 7.19 -22.47 -3.30
C ARG A 78 6.31 -23.69 -3.11
N THR A 79 6.90 -24.90 -3.12
CA THR A 79 6.11 -26.11 -3.08
C THR A 79 6.01 -26.75 -1.71
N MET A 80 6.80 -26.25 -0.77
CA MET A 80 6.81 -26.70 0.62
C MET A 80 5.43 -26.47 1.23
N ASP A 81 5.00 -27.38 2.09
CA ASP A 81 3.82 -27.15 2.90
C ASP A 81 3.93 -25.84 3.73
N ALA A 82 2.84 -25.10 3.80
CA ALA A 82 2.77 -23.88 4.58
C ALA A 82 3.14 -24.27 5.99
N SER A 83 2.69 -25.42 6.45
CA SER A 83 2.95 -25.85 7.84
C SER A 83 4.43 -26.08 8.09
N GLU A 84 5.17 -26.41 7.02
CA GLU A 84 6.64 -26.60 7.11
C GLU A 84 7.37 -25.28 7.19
N ARG A 85 6.87 -24.25 6.47
CA ARG A 85 7.41 -22.89 6.63
C ARG A 85 7.30 -22.50 8.12
N GLY A 86 6.20 -22.91 8.74
CA GLY A 86 5.98 -22.64 10.14
C GLY A 86 6.97 -23.38 11.01
N ARG A 87 7.15 -24.66 10.72
N ARG A 87 7.19 -24.66 10.72
CA ARG A 87 8.10 -25.49 11.44
CA ARG A 87 8.12 -25.50 11.47
C ARG A 87 9.51 -24.92 11.40
C ARG A 87 9.55 -24.97 11.39
N LEU A 88 9.92 -24.44 10.25
CA LEU A 88 11.24 -23.84 10.07
C LEU A 88 11.42 -22.56 10.87
N LEU A 89 10.37 -21.73 10.90
CA LEU A 89 10.38 -20.56 11.72
C LEU A 89 10.46 -20.86 13.21
N ASN A 90 9.79 -21.89 13.67
CA ASN A 90 9.95 -22.28 15.07
C ASN A 90 11.36 -22.86 15.36
N LYS A 91 11.97 -23.52 14.38
CA LYS A 91 13.27 -24.08 14.57
C LYS A 91 14.27 -22.92 14.69
N LEU A 92 14.05 -21.88 13.89
CA LEU A 92 14.88 -20.70 13.94
C LEU A 92 14.77 -20.06 15.30
N ALA A 93 13.56 -19.94 15.83
CA ALA A 93 13.45 -19.40 17.18
C ALA A 93 14.16 -20.27 18.25
N ASP A 94 14.12 -21.61 18.08
CA ASP A 94 14.89 -22.53 18.96
C ASP A 94 16.37 -22.20 18.91
N LEU A 95 16.91 -21.95 17.72
CA LEU A 95 18.30 -21.58 17.58
C LEU A 95 18.65 -20.22 18.16
N ILE A 96 17.72 -19.30 18.11
CA ILE A 96 17.94 -18.04 18.80
C ILE A 96 18.01 -18.21 20.31
N GLU A 97 17.14 -19.05 20.85
N GLU A 97 17.08 -19.03 20.84
CA GLU A 97 17.14 -19.32 22.26
CA GLU A 97 17.05 -19.45 22.23
C GLU A 97 18.48 -19.95 22.63
C GLU A 97 18.40 -20.02 22.67
N ARG A 98 18.94 -20.92 21.86
CA ARG A 98 20.23 -21.58 22.11
C ARG A 98 21.32 -20.49 22.12
N ASP A 99 21.28 -19.55 21.16
CA ASP A 99 22.32 -18.53 21.04
C ASP A 99 22.04 -17.20 21.70
N ARG A 100 21.12 -17.18 22.65
CA ARG A 100 20.62 -15.99 23.26
C ARG A 100 21.67 -15.15 23.95
N LEU A 101 22.57 -15.79 24.67
CA LEU A 101 23.63 -15.07 25.37
C LEU A 101 24.56 -14.39 24.37
N LEU A 102 24.98 -15.16 23.39
CA LEU A 102 25.84 -14.64 22.34
C LEU A 102 25.19 -13.47 21.64
N LEU A 103 23.97 -13.63 21.19
CA LEU A 103 23.27 -12.55 20.49
C LEU A 103 23.05 -11.33 21.33
N ALA A 104 22.66 -11.52 22.58
CA ALA A 104 22.45 -10.38 23.45
C ALA A 104 23.71 -9.61 23.76
N THR A 105 24.80 -10.34 23.93
CA THR A 105 26.05 -9.69 24.20
C THR A 105 26.47 -8.86 22.99
N MET A 106 26.36 -9.53 21.84
CA MET A 106 26.72 -8.94 20.55
C MET A 106 25.87 -7.67 20.27
N GLU A 107 24.61 -7.78 20.56
CA GLU A 107 23.69 -6.68 20.35
C GLU A 107 24.04 -5.53 21.28
N ALA A 108 24.35 -5.84 22.56
CA ALA A 108 24.76 -4.82 23.50
C ALA A 108 26.06 -4.13 23.09
N MET A 109 27.01 -4.89 22.69
CA MET A 109 28.28 -4.34 22.26
C MET A 109 28.17 -3.46 21.01
N ASN A 110 27.49 -3.96 20.00
CA ASN A 110 27.41 -3.25 18.72
C ASN A 110 26.47 -2.06 18.81
N GLY A 111 25.43 -2.18 19.64
CA GLY A 111 24.31 -1.22 19.60
C GLY A 111 24.25 -0.23 20.72
N GLY A 112 25.14 -0.42 21.68
CA GLY A 112 25.13 0.48 22.83
C GLY A 112 23.95 0.25 23.73
N LYS A 113 23.50 -0.99 23.77
CA LYS A 113 22.28 -1.36 24.43
C LYS A 113 22.54 -2.05 25.74
N LEU A 114 21.82 -1.65 26.77
CA LEU A 114 21.95 -2.21 28.10
C LEU A 114 21.80 -3.74 28.02
N PHE A 115 22.77 -4.47 28.55
CA PHE A 115 22.81 -5.88 28.31
C PHE A 115 21.61 -6.61 28.86
N SER A 116 21.11 -6.26 30.03
CA SER A 116 20.03 -7.06 30.50
C SER A 116 18.74 -6.75 29.76
N ASN A 117 18.57 -5.55 29.28
CA ASN A 117 17.48 -5.24 28.36
C ASN A 117 17.58 -6.04 27.03
N ALA A 118 18.77 -6.03 26.44
CA ALA A 118 19.04 -6.83 25.26
C ALA A 118 18.73 -8.29 25.50
N TYR A 119 19.10 -8.81 26.66
CA TYR A 119 18.83 -10.20 26.97
C TYR A 119 17.37 -10.51 27.20
N LEU A 120 16.73 -9.71 28.02
CA LEU A 120 15.36 -9.98 28.43
C LEU A 120 14.36 -9.48 27.46
N MET A 121 14.46 -8.22 27.05
CA MET A 121 13.43 -7.63 26.22
C MET A 121 13.70 -7.95 24.74
N ASP A 122 14.84 -7.51 24.18
CA ASP A 122 15.10 -7.68 22.74
C ASP A 122 15.01 -9.17 22.35
N LEU A 123 15.85 -9.97 22.96
CA LEU A 123 15.89 -11.41 22.67
C LEU A 123 14.56 -12.12 22.97
N GLY A 124 13.91 -11.75 24.07
CA GLY A 124 12.61 -12.31 24.35
C GLY A 124 11.63 -12.00 23.22
N GLY A 125 11.68 -10.74 22.72
CA GLY A 125 10.83 -10.24 21.69
C GLY A 125 11.10 -10.93 20.37
N CYS A 126 12.38 -11.19 20.11
CA CYS A 126 12.80 -11.88 18.90
C CYS A 126 12.18 -13.27 18.84
N ILE A 127 12.29 -14.00 19.93
CA ILE A 127 11.73 -15.34 20.03
C ILE A 127 10.19 -15.37 19.92
N LYS A 128 9.54 -14.48 20.65
CA LYS A 128 8.09 -14.41 20.65
C LYS A 128 7.57 -14.03 19.27
N THR A 129 8.24 -13.10 18.63
CA THR A 129 7.86 -12.70 17.29
C THR A 129 7.89 -13.84 16.28
N LEU A 130 8.99 -14.59 16.27
CA LEU A 130 9.12 -15.70 15.39
C LEU A 130 8.09 -16.76 15.72
N ARG A 131 7.82 -17.04 16.98
CA ARG A 131 6.81 -18.03 17.28
C ARG A 131 5.41 -17.62 16.79
N TYR A 132 5.11 -16.33 16.91
CA TYR A 132 3.82 -15.83 16.45
C TYR A 132 3.72 -16.07 14.95
N CYS A 133 4.76 -15.65 14.25
CA CYS A 133 4.80 -15.76 12.81
C CYS A 133 4.67 -17.18 12.30
N ALA A 134 5.37 -18.09 12.93
CA ALA A 134 5.35 -19.49 12.62
C ALA A 134 3.90 -19.99 12.60
N GLY A 135 3.12 -19.56 13.59
CA GLY A 135 1.71 -19.98 13.78
C GLY A 135 0.78 -19.53 12.65
N TRP A 136 1.06 -18.41 12.00
CA TRP A 136 0.27 -17.91 10.92
C TRP A 136 0.51 -18.64 9.58
N ALA A 137 1.69 -19.28 9.38
CA ALA A 137 2.05 -19.79 8.05
C ALA A 137 0.97 -20.58 7.35
N ASP A 138 0.27 -21.50 8.06
CA ASP A 138 -0.72 -22.37 7.44
C ASP A 138 -2.15 -21.95 7.73
N LYS A 139 -2.29 -20.68 8.16
CA LYS A 139 -3.53 -20.05 8.48
C LYS A 139 -3.80 -18.78 7.67
N ILE A 140 -2.92 -18.45 6.73
CA ILE A 140 -3.14 -17.39 5.78
C ILE A 140 -4.03 -18.00 4.67
N GLN A 141 -5.26 -17.52 4.51
CA GLN A 141 -6.26 -18.15 3.69
C GLN A 141 -6.88 -17.21 2.72
N GLY A 142 -7.25 -17.66 1.54
CA GLY A 142 -8.14 -16.85 0.76
C GLY A 142 -9.60 -17.08 0.94
N ARG A 143 -10.36 -16.81 -0.12
CA ARG A 143 -11.85 -16.83 -0.04
C ARG A 143 -12.49 -17.61 -1.15
N THR A 144 -13.73 -18.06 -0.92
CA THR A 144 -14.61 -18.43 -2.03
C THR A 144 -15.76 -17.44 -2.03
N ILE A 145 -16.11 -16.95 -3.24
CA ILE A 145 -16.92 -15.72 -3.37
C ILE A 145 -18.18 -16.01 -4.18
N PRO A 146 -19.38 -15.69 -3.61
CA PRO A 146 -20.62 -15.95 -4.34
C PRO A 146 -20.96 -14.84 -5.33
N MET A 147 -20.10 -14.68 -6.33
CA MET A 147 -20.28 -13.66 -7.34
C MET A 147 -21.47 -13.95 -8.24
N ASP A 148 -21.87 -12.93 -9.00
CA ASP A 148 -22.99 -13.01 -9.95
C ASP A 148 -22.66 -13.90 -11.17
N GLY A 149 -23.64 -14.65 -11.66
CA GLY A 149 -23.44 -15.47 -12.84
C GLY A 149 -23.01 -16.88 -12.54
N ASN A 150 -22.93 -17.72 -13.60
CA ASN A 150 -22.61 -19.11 -13.43
C ASN A 150 -21.10 -19.30 -13.44
N PHE A 151 -20.53 -19.03 -12.26
CA PHE A 151 -19.13 -19.06 -12.04
C PHE A 151 -18.83 -19.55 -10.65
N PHE A 152 -17.68 -20.23 -10.52
CA PHE A 152 -17.03 -20.51 -9.26
C PHE A 152 -15.80 -19.64 -9.18
N THR A 153 -15.79 -18.83 -8.11
CA THR A 153 -14.74 -17.88 -7.91
C THR A 153 -14.07 -18.10 -6.58
N TYR A 154 -12.75 -18.10 -6.61
CA TYR A 154 -11.99 -18.12 -5.38
C TYR A 154 -10.82 -17.17 -5.43
N THR A 155 -10.21 -16.92 -4.27
CA THR A 155 -8.98 -16.20 -4.22
C THR A 155 -7.83 -16.99 -3.57
N ARG A 156 -6.64 -16.70 -4.00
CA ARG A 156 -5.40 -17.16 -3.40
C ARG A 156 -4.69 -15.97 -2.74
N SER A 157 -4.28 -16.18 -1.51
CA SER A 157 -3.40 -15.29 -0.83
C SER A 157 -1.98 -15.72 -1.10
N GLU A 158 -1.42 -15.25 -2.18
CA GLU A 158 -0.11 -15.71 -2.60
C GLU A 158 0.94 -14.84 -1.97
N PRO A 159 2.17 -15.32 -1.90
CA PRO A 159 3.18 -14.38 -1.46
C PRO A 159 3.39 -13.26 -2.48
N VAL A 160 3.93 -12.12 -2.06
CA VAL A 160 4.16 -11.01 -2.95
C VAL A 160 5.34 -11.29 -3.86
N GLY A 161 6.41 -11.91 -3.30
CA GLY A 161 7.60 -12.21 -4.12
C GLY A 161 8.88 -11.90 -3.40
N VAL A 162 9.79 -11.27 -4.11
CA VAL A 162 11.02 -10.80 -3.59
C VAL A 162 10.82 -9.48 -2.89
N CYS A 163 11.06 -9.50 -1.59
CA CYS A 163 10.84 -8.40 -0.72
C CYS A 163 12.17 -7.85 -0.22
N GLY A 164 12.46 -6.60 -0.55
CA GLY A 164 13.67 -5.95 -0.03
C GLY A 164 13.33 -5.31 1.30
N GLN A 165 14.19 -5.48 2.29
CA GLN A 165 13.84 -5.06 3.65
C GLN A 165 15.01 -4.31 4.23
N ILE A 166 14.78 -3.03 4.54
CA ILE A 166 15.82 -2.14 4.95
C ILE A 166 15.51 -1.74 6.36
N ILE A 167 16.49 -1.87 7.24
CA ILE A 167 16.22 -1.70 8.65
C ILE A 167 17.20 -0.84 9.43
N PRO A 168 16.84 -0.38 10.70
CA PRO A 168 17.68 0.55 11.45
C PRO A 168 18.49 -0.11 12.55
N TRP A 169 19.12 0.84 13.20
CA TRP A 169 20.17 0.48 14.19
C TRP A 169 19.71 0.41 15.60
N ASN A 170 18.51 0.85 15.87
CA ASN A 170 18.04 0.93 17.28
C ASN A 170 17.65 -0.39 17.91
N PHE A 171 17.02 -1.29 17.15
CA PHE A 171 16.62 -2.62 17.66
C PHE A 171 16.97 -3.60 16.55
N PRO A 172 18.27 -3.79 16.34
CA PRO A 172 18.76 -4.38 15.10
C PRO A 172 18.24 -5.79 14.86
N LEU A 173 18.37 -6.66 15.87
CA LEU A 173 17.95 -8.03 15.70
C LEU A 173 16.41 -8.16 15.68
N LEU A 174 15.78 -7.43 16.54
CA LEU A 174 14.35 -7.45 16.64
C LEU A 174 13.75 -6.95 15.36
N MET A 175 14.29 -5.91 14.76
CA MET A 175 13.75 -5.37 13.50
CA MET A 175 13.73 -5.39 13.51
C MET A 175 14.00 -6.33 12.35
N PHE A 176 15.11 -7.04 12.42
CA PHE A 176 15.42 -8.04 11.48
C PHE A 176 14.34 -9.11 11.45
N LEU A 177 13.93 -9.57 12.63
CA LEU A 177 12.92 -10.62 12.76
C LEU A 177 11.48 -10.09 12.50
N TRP A 178 11.17 -8.88 12.90
CA TRP A 178 9.97 -8.27 12.47
C TRP A 178 9.78 -8.29 10.96
N LYS A 179 10.85 -8.08 10.17
CA LYS A 179 10.77 -8.15 8.73
C LYS A 179 10.73 -9.58 8.18
N ILE A 180 11.74 -10.39 8.48
CA ILE A 180 11.77 -11.72 7.89
C ILE A 180 10.68 -12.65 8.40
N GLY A 181 10.23 -12.51 9.65
CA GLY A 181 9.28 -13.47 10.15
C GLY A 181 7.97 -13.49 9.35
N PRO A 182 7.28 -12.35 9.23
CA PRO A 182 6.05 -12.31 8.46
C PRO A 182 6.24 -12.57 6.96
N ALA A 183 7.29 -12.03 6.37
CA ALA A 183 7.58 -12.32 4.99
C ALA A 183 7.70 -13.82 4.72
N LEU A 184 8.50 -14.50 5.52
CA LEU A 184 8.69 -15.94 5.31
C LEU A 184 7.44 -16.72 5.65
N SER A 185 6.74 -16.30 6.70
CA SER A 185 5.53 -17.02 7.13
C SER A 185 4.57 -17.11 5.91
N CYS A 186 4.48 -16.03 5.14
CA CYS A 186 3.61 -15.88 3.95
C CYS A 186 4.26 -16.41 2.65
N GLY A 187 5.51 -16.90 2.72
CA GLY A 187 6.08 -17.55 1.58
C GLY A 187 6.94 -16.72 0.65
N ASN A 188 7.26 -15.48 1.05
CA ASN A 188 8.14 -14.59 0.29
C ASN A 188 9.59 -15.01 0.40
N THR A 189 10.43 -14.43 -0.46
CA THR A 189 11.85 -14.48 -0.27
C THR A 189 12.33 -13.07 -0.03
N VAL A 190 13.48 -12.90 0.66
CA VAL A 190 13.91 -11.58 1.07
C VAL A 190 15.39 -11.27 0.80
N VAL A 191 15.66 -9.98 0.62
CA VAL A 191 16.97 -9.39 0.61
C VAL A 191 16.96 -8.33 1.69
N VAL A 192 17.74 -8.56 2.75
CA VAL A 192 17.73 -7.69 3.92
C VAL A 192 18.98 -6.81 3.97
N LYS A 193 18.77 -5.54 4.28
CA LYS A 193 19.88 -4.58 4.33
C LYS A 193 19.91 -4.04 5.74
N PRO A 194 20.76 -4.62 6.58
CA PRO A 194 20.87 -4.10 7.97
C PRO A 194 21.52 -2.72 7.98
N ALA A 195 21.32 -1.97 9.06
CA ALA A 195 21.97 -0.67 9.18
C ALA A 195 23.49 -0.81 9.23
N GLU A 196 24.18 0.14 8.62
CA GLU A 196 25.66 0.14 8.58
C GLU A 196 26.22 0.16 9.98
N GLN A 197 25.51 0.79 10.93
CA GLN A 197 26.00 0.81 12.32
C GLN A 197 25.96 -0.57 12.99
N THR A 198 25.03 -1.43 12.58
CA THR A 198 24.64 -2.62 13.36
C THR A 198 24.35 -3.88 12.53
N PRO A 199 25.32 -4.35 11.73
CA PRO A 199 25.09 -5.50 10.89
C PRO A 199 25.28 -6.83 11.62
N LEU A 200 25.93 -6.85 12.78
CA LEU A 200 26.59 -8.07 13.23
C LEU A 200 25.58 -9.14 13.66
N THR A 201 24.58 -8.79 14.46
CA THR A 201 23.60 -9.78 14.85
C THR A 201 22.81 -10.35 13.65
N ALA A 202 22.51 -9.53 12.66
CA ALA A 202 21.88 -9.99 11.44
C ALA A 202 22.75 -10.99 10.72
N LEU A 203 24.04 -10.74 10.69
CA LEU A 203 24.91 -11.69 9.99
C LEU A 203 24.95 -12.96 10.76
N HIS A 204 25.02 -12.91 12.09
CA HIS A 204 24.89 -14.18 12.83
C HIS A 204 23.59 -14.95 12.47
N MET A 205 22.51 -14.23 12.31
CA MET A 205 21.25 -14.88 11.95
C MET A 205 21.32 -15.66 10.65
N GLY A 206 22.10 -15.16 9.71
CA GLY A 206 22.35 -15.94 8.47
C GLY A 206 22.82 -17.36 8.72
N SER A 207 23.81 -17.54 9.63
CA SER A 207 24.25 -18.85 10.02
C SER A 207 23.10 -19.68 10.61
N LEU A 208 22.20 -19.07 11.36
CA LEU A 208 21.12 -19.82 11.97
C LEU A 208 20.02 -20.18 10.94
N ILE A 209 19.78 -19.29 9.97
CA ILE A 209 18.84 -19.58 8.87
C ILE A 209 19.29 -20.83 8.06
N LYS A 210 20.58 -20.90 7.79
CA LYS A 210 21.13 -22.03 7.11
C LYS A 210 21.03 -23.28 7.99
N GLU A 211 21.37 -23.14 9.26
CA GLU A 211 21.34 -24.24 10.15
C GLU A 211 19.90 -24.77 10.33
N ALA A 212 18.90 -23.89 10.38
CA ALA A 212 17.52 -24.31 10.53
C ALA A 212 17.02 -25.08 9.33
N GLY A 213 17.63 -24.93 8.18
CA GLY A 213 17.20 -25.64 6.99
C GLY A 213 16.47 -24.86 5.94
N PHE A 214 16.45 -23.54 6.01
CA PHE A 214 15.71 -22.75 5.02
C PHE A 214 16.41 -23.02 3.66
N PRO A 215 15.65 -23.18 2.57
CA PRO A 215 16.33 -23.32 1.24
C PRO A 215 17.20 -22.11 0.85
N PRO A 216 18.28 -22.34 0.07
CA PRO A 216 19.12 -21.24 -0.37
C PRO A 216 18.38 -20.17 -1.11
N GLY A 217 18.67 -18.93 -0.83
CA GLY A 217 18.06 -17.82 -1.58
C GLY A 217 16.79 -17.26 -0.93
N VAL A 218 16.22 -17.98 0.03
CA VAL A 218 15.04 -17.55 0.81
C VAL A 218 15.35 -16.32 1.67
N VAL A 219 16.45 -16.29 2.39
CA VAL A 219 16.93 -15.04 3.02
C VAL A 219 18.33 -14.72 2.51
N ASN A 220 18.49 -13.52 2.03
CA ASN A 220 19.79 -12.96 1.66
C ASN A 220 20.00 -11.69 2.43
N ILE A 221 21.25 -11.47 2.85
CA ILE A 221 21.60 -10.37 3.70
C ILE A 221 22.80 -9.66 3.10
N VAL A 222 22.65 -8.36 2.91
CA VAL A 222 23.65 -7.54 2.29
C VAL A 222 23.94 -6.34 3.18
N PRO A 223 25.02 -6.42 3.99
CA PRO A 223 25.39 -5.34 4.86
C PRO A 223 26.02 -4.25 3.99
N GLY A 224 25.94 -3.00 4.43
CA GLY A 224 26.49 -1.90 3.64
C GLY A 224 25.73 -0.64 3.97
N TYR A 225 25.98 0.41 3.19
CA TYR A 225 25.43 1.75 3.49
C TYR A 225 24.05 1.95 2.80
N GLY A 226 23.39 3.05 3.12
CA GLY A 226 22.04 3.35 2.63
C GLY A 226 21.93 3.77 1.18
N PRO A 227 22.61 4.88 0.81
CA PRO A 227 22.53 5.36 -0.56
C PRO A 227 23.18 4.49 -1.59
N THR A 228 23.93 3.47 -1.14
CA THR A 228 24.47 2.48 -2.06
C THR A 228 23.55 1.22 -2.08
N ALA A 229 23.73 0.37 -1.10
CA ALA A 229 22.98 -0.92 -1.06
C ALA A 229 21.47 -0.69 -0.84
N GLY A 230 21.11 0.14 0.14
CA GLY A 230 19.74 0.54 0.33
C GLY A 230 19.01 1.04 -0.91
N ALA A 231 19.56 2.06 -1.53
CA ALA A 231 19.02 2.62 -2.80
C ALA A 231 19.03 1.62 -3.95
N ALA A 232 19.98 0.67 -3.96
CA ALA A 232 19.93 -0.32 -5.02
C ALA A 232 18.71 -1.24 -4.87
N ILE A 233 18.31 -1.50 -3.62
CA ILE A 233 17.09 -2.23 -3.34
C ILE A 233 15.81 -1.45 -3.73
N SER A 234 15.65 -0.22 -3.25
CA SER A 234 14.49 0.57 -3.50
C SER A 234 14.25 0.84 -5.02
N SER A 235 15.33 0.86 -5.79
N SER A 235 15.32 0.81 -5.80
CA SER A 235 15.27 1.14 -7.22
CA SER A 235 15.25 1.10 -7.22
C SER A 235 15.32 -0.11 -8.10
C SER A 235 15.25 -0.12 -8.11
N HIS A 236 15.43 -1.29 -7.49
CA HIS A 236 15.65 -2.49 -8.25
C HIS A 236 14.43 -2.87 -9.06
N MET A 237 14.67 -3.29 -10.31
CA MET A 237 13.57 -3.59 -11.26
C MET A 237 12.93 -4.98 -11.05
N ASP A 238 13.51 -5.80 -10.20
CA ASP A 238 13.00 -7.13 -9.96
C ASP A 238 12.76 -7.39 -8.49
N VAL A 239 12.64 -6.32 -7.70
CA VAL A 239 12.14 -6.43 -6.31
C VAL A 239 10.65 -6.05 -6.32
N ASP A 240 9.81 -6.95 -5.81
CA ASP A 240 8.37 -6.78 -5.86
C ASP A 240 7.84 -5.86 -4.75
N LYS A 241 8.59 -5.76 -3.65
CA LYS A 241 8.18 -4.97 -2.53
C LYS A 241 9.36 -4.54 -1.70
N VAL A 242 9.28 -3.32 -1.21
CA VAL A 242 10.29 -2.79 -0.28
C VAL A 242 9.60 -2.44 1.02
N ALA A 243 10.17 -2.89 2.13
CA ALA A 243 9.71 -2.52 3.43
C ALA A 243 10.87 -1.87 4.18
N PHE A 244 10.58 -0.78 4.82
CA PHE A 244 11.56 0.08 5.41
C PHE A 244 11.14 0.59 6.79
N THR A 245 12.12 0.59 7.69
CA THR A 245 12.02 1.28 8.98
C THR A 245 13.19 2.18 9.18
N GLY A 246 12.94 3.42 9.60
CA GLY A 246 13.94 4.46 9.59
C GLY A 246 13.38 5.86 9.61
N SER A 247 14.16 6.79 9.09
CA SER A 247 13.83 8.19 9.15
C SER A 247 12.78 8.52 8.08
N THR A 248 11.94 9.50 8.40
CA THR A 248 10.92 9.96 7.48
C THR A 248 11.56 10.46 6.18
N GLU A 249 12.72 11.09 6.31
CA GLU A 249 13.44 11.55 5.12
C GLU A 249 13.82 10.46 4.11
N VAL A 250 14.39 9.34 4.57
CA VAL A 250 14.75 8.27 3.65
C VAL A 250 13.47 7.57 3.20
N GLY A 251 12.48 7.53 4.07
CA GLY A 251 11.21 6.92 3.65
C GLY A 251 10.65 7.56 2.37
N LYS A 252 10.80 8.86 2.27
CA LYS A 252 10.28 9.59 1.10
C LYS A 252 11.08 9.23 -0.08
N LEU A 253 12.40 9.09 0.11
CA LEU A 253 13.25 8.66 -1.01
C LEU A 253 12.92 7.23 -1.47
N ILE A 254 12.66 6.34 -0.53
CA ILE A 254 12.25 4.94 -0.89
C ILE A 254 10.97 4.95 -1.76
N LYS A 255 9.92 5.66 -1.28
CA LYS A 255 8.62 5.73 -2.02
C LYS A 255 8.84 6.31 -3.38
N GLU A 256 9.61 7.41 -3.44
CA GLU A 256 9.94 8.00 -4.72
CA GLU A 256 9.92 8.01 -4.73
C GLU A 256 10.63 7.02 -5.62
N ALA A 257 11.62 6.30 -5.10
CA ALA A 257 12.38 5.35 -5.93
C ALA A 257 11.49 4.20 -6.42
N ALA A 258 10.59 3.74 -5.57
CA ALA A 258 9.61 2.73 -5.94
C ALA A 258 8.75 3.22 -7.12
N GLY A 259 8.32 4.46 -7.06
CA GLY A 259 7.58 5.04 -8.17
C GLY A 259 8.34 5.12 -9.47
N LYS A 260 9.57 5.60 -9.40
CA LYS A 260 10.41 5.77 -10.57
C LYS A 260 10.78 4.47 -11.27
N SER A 261 10.85 3.38 -10.52
CA SER A 261 11.41 2.16 -11.04
C SER A 261 10.35 1.18 -11.53
N ASN A 262 9.76 0.37 -10.65
CA ASN A 262 8.87 -0.68 -11.12
C ASN A 262 7.59 -0.74 -10.37
N LEU A 263 7.21 0.33 -9.68
CA LEU A 263 5.99 0.40 -8.89
C LEU A 263 5.88 -0.66 -7.83
N LYS A 264 7.01 -1.05 -7.26
CA LYS A 264 7.01 -2.06 -6.22
C LYS A 264 6.16 -1.61 -5.08
N ARG A 265 5.60 -2.55 -4.32
CA ARG A 265 4.79 -2.23 -3.19
C ARG A 265 5.66 -1.65 -2.10
N VAL A 266 5.11 -0.75 -1.31
CA VAL A 266 5.90 -0.01 -0.33
C VAL A 266 5.27 -0.13 1.02
N SER A 267 6.05 -0.53 2.01
CA SER A 267 5.61 -0.32 3.38
C SER A 267 6.66 0.35 4.24
N LEU A 268 6.20 1.28 5.07
CA LEU A 268 7.11 2.17 5.83
C LEU A 268 6.74 2.35 7.26
N GLU A 269 7.76 2.35 8.12
CA GLU A 269 7.57 2.86 9.49
C GLU A 269 8.68 3.82 9.81
N LEU A 270 8.26 5.04 10.09
CA LEU A 270 9.12 6.18 10.07
C LEU A 270 9.23 7.00 11.35
N GLY A 271 9.04 6.40 12.49
CA GLY A 271 9.35 7.34 13.59
C GLY A 271 8.21 8.34 13.85
N GLY A 272 8.39 9.18 14.86
CA GLY A 272 7.28 9.92 15.41
C GLY A 272 7.60 11.08 16.31
N LYS A 273 6.52 11.71 16.79
CA LYS A 273 6.61 12.74 17.83
C LYS A 273 5.39 12.52 18.73
N SER A 274 5.40 11.40 19.42
CA SER A 274 4.16 10.88 20.02
C SER A 274 3.73 11.58 21.27
N PRO A 275 2.46 12.00 21.34
CA PRO A 275 1.96 12.67 22.51
C PRO A 275 1.52 11.72 23.55
N CYS A 276 1.78 12.08 24.78
CA CYS A 276 1.29 11.38 25.92
C CYS A 276 0.50 12.36 26.78
N ILE A 277 -0.81 12.11 27.01
CA ILE A 277 -1.72 13.10 27.60
C ILE A 277 -2.16 12.58 28.92
N VAL A 278 -1.93 13.36 29.97
CA VAL A 278 -2.19 12.96 31.34
C VAL A 278 -3.25 13.89 31.91
N PHE A 279 -4.40 13.32 32.23
CA PHE A 279 -5.51 14.12 32.70
C PHE A 279 -5.42 14.07 34.20
N ALA A 280 -6.10 15.03 34.80
CA ALA A 280 -6.02 15.28 36.23
C ALA A 280 -6.55 14.14 37.03
N ASP A 281 -7.44 13.28 36.48
CA ASP A 281 -7.89 12.11 37.28
C ASP A 281 -7.04 10.86 37.14
N ALA A 282 -5.90 10.94 36.47
CA ALA A 282 -4.98 9.82 36.30
C ALA A 282 -4.32 9.38 37.61
N ASP A 283 -4.04 8.09 37.76
CA ASP A 283 -3.12 7.57 38.76
C ASP A 283 -1.73 8.10 38.42
N LEU A 284 -1.20 8.95 39.29
CA LEU A 284 0.07 9.66 39.01
C LEU A 284 1.33 8.80 39.06
N ASP A 285 1.43 7.91 40.02
CA ASP A 285 2.53 7.01 40.15
C ASP A 285 2.67 6.23 38.83
N ASN A 286 1.58 5.54 38.43
CA ASN A 286 1.52 4.80 37.16
C ASN A 286 1.97 5.69 35.97
N ALA A 287 1.34 6.84 35.85
CA ALA A 287 1.56 7.73 34.75
C ALA A 287 2.99 8.25 34.68
N VAL A 288 3.54 8.68 35.79
CA VAL A 288 4.91 9.19 35.76
C VAL A 288 5.89 8.12 35.26
N GLU A 289 5.80 6.90 35.80
CA GLU A 289 6.73 5.83 35.46
C GLU A 289 6.57 5.46 33.97
N PHE A 290 5.31 5.33 33.47
CA PHE A 290 5.10 5.00 32.04
C PHE A 290 5.56 6.08 31.08
N ALA A 291 5.20 7.31 31.37
CA ALA A 291 5.71 8.45 30.59
C ALA A 291 7.24 8.57 30.51
N HIS A 292 7.85 8.36 31.67
CA HIS A 292 9.29 8.34 31.78
C HIS A 292 9.96 7.25 30.90
N GLN A 293 9.55 6.01 31.09
CA GLN A 293 10.09 4.87 30.32
C GLN A 293 9.77 5.08 28.90
N GLY A 294 8.61 5.68 28.67
CA GLY A 294 8.12 5.87 27.32
C GLY A 294 9.00 6.82 26.52
N VAL A 295 9.71 7.74 27.17
CA VAL A 295 10.62 8.63 26.41
C VAL A 295 12.11 8.27 26.57
N PHE A 296 12.48 7.72 27.72
CA PHE A 296 13.89 7.43 28.01
C PHE A 296 14.35 6.05 27.59
N TYR A 297 13.44 5.10 27.33
CA TYR A 297 13.92 3.74 27.02
C TYR A 297 14.98 3.72 25.91
N HIS A 298 16.00 2.87 26.09
CA HIS A 298 17.11 2.70 25.15
C HIS A 298 17.68 4.03 24.72
N GLN A 299 17.97 4.84 25.73
CA GLN A 299 18.57 6.14 25.54
C GLN A 299 17.76 7.02 24.58
N GLY A 300 16.44 6.90 24.69
CA GLY A 300 15.48 7.70 23.94
C GLY A 300 15.41 7.34 22.47
N GLN A 301 15.90 6.15 22.14
CA GLN A 301 16.04 5.72 20.74
C GLN A 301 14.90 4.78 20.24
N CYS A 302 13.69 5.05 20.70
CA CYS A 302 12.45 4.36 20.25
C CYS A 302 11.66 5.29 19.33
N CYS A 303 11.23 4.77 18.19
CA CYS A 303 10.26 5.40 17.32
CA CYS A 303 10.20 5.36 17.39
C CYS A 303 9.06 5.97 18.05
N ILE A 304 8.51 5.20 18.97
CA ILE A 304 7.33 5.55 19.69
C ILE A 304 7.54 6.45 20.95
N ALA A 305 8.76 6.95 21.16
CA ALA A 305 9.06 7.77 22.34
C ALA A 305 7.98 8.78 22.63
N ALA A 306 7.51 8.78 23.88
CA ALA A 306 6.52 9.79 24.39
C ALA A 306 7.19 11.20 24.52
N SER A 307 7.51 11.81 23.39
CA SER A 307 8.30 13.00 23.34
C SER A 307 7.54 14.29 23.37
N ARG A 308 6.23 14.22 23.49
CA ARG A 308 5.41 15.37 23.93
C ARG A 308 4.52 14.96 25.08
N LEU A 309 4.89 15.41 26.27
CA LEU A 309 4.15 14.99 27.45
C LEU A 309 3.28 16.17 27.85
N PHE A 310 1.97 16.05 27.58
CA PHE A 310 0.96 17.01 27.95
C PHE A 310 0.32 16.70 29.25
N VAL A 311 0.43 17.61 30.23
CA VAL A 311 -0.09 17.33 31.58
C VAL A 311 -1.08 18.39 31.97
N GLU A 312 -2.16 17.98 32.58
CA GLU A 312 -3.22 18.95 32.84
C GLU A 312 -2.77 19.93 33.94
N GLU A 313 -3.10 21.19 33.78
CA GLU A 313 -2.65 22.26 34.64
C GLU A 313 -2.55 21.96 36.12
N SER A 314 -3.59 21.40 36.69
CA SER A 314 -3.70 21.26 38.13
C SER A 314 -2.77 20.19 38.69
N ILE A 315 -2.18 19.36 37.81
CA ILE A 315 -1.19 18.41 38.25
C ILE A 315 0.15 18.66 37.60
N TYR A 316 0.26 19.69 36.81
CA TYR A 316 1.50 19.91 36.03
C TYR A 316 2.74 20.04 36.90
N ASP A 317 2.68 20.93 37.89
CA ASP A 317 3.90 21.16 38.71
C ASP A 317 4.29 19.93 39.40
N GLU A 318 3.35 19.20 39.97
CA GLU A 318 3.73 17.97 40.61
C GLU A 318 4.32 16.89 39.64
N PHE A 319 3.73 16.77 38.47
CA PHE A 319 4.21 15.79 37.49
C PHE A 319 5.63 16.15 37.05
N VAL A 320 5.88 17.45 36.84
CA VAL A 320 7.22 17.89 36.52
C VAL A 320 8.20 17.50 37.62
N ARG A 321 7.84 17.78 38.86
N ARG A 321 7.87 17.77 38.87
CA ARG A 321 8.75 17.50 39.97
CA ARG A 321 8.83 17.48 39.95
C ARG A 321 9.13 16.03 40.00
C ARG A 321 9.15 16.00 40.04
N ARG A 322 8.12 15.16 39.90
CA ARG A 322 8.31 13.72 40.01
C ARG A 322 9.09 13.18 38.84
N SER A 323 8.83 13.76 37.66
CA SER A 323 9.56 13.38 36.44
C SER A 323 11.05 13.74 36.54
N VAL A 324 11.34 14.94 37.04
CA VAL A 324 12.73 15.34 37.23
C VAL A 324 13.43 14.40 38.22
N GLU A 325 12.83 14.15 39.38
CA GLU A 325 13.37 13.17 40.34
C GLU A 325 13.64 11.78 39.68
N ARG A 326 12.70 11.32 38.85
CA ARG A 326 12.85 10.02 38.23
C ARG A 326 14.02 9.98 37.25
N ALA A 327 14.26 11.10 36.58
CA ALA A 327 15.27 11.19 35.53
C ALA A 327 16.70 11.22 36.02
N LYS A 328 16.87 11.43 37.32
CA LYS A 328 18.20 11.52 37.93
C LYS A 328 18.65 10.21 38.53
N LYS A 329 17.89 9.14 38.34
CA LYS A 329 18.24 7.84 38.92
C LYS A 329 18.98 6.89 37.97
N TYR A 330 19.97 7.41 37.23
CA TYR A 330 20.69 6.63 36.24
C TYR A 330 22.16 6.62 36.53
N VAL A 331 22.80 5.55 36.15
CA VAL A 331 24.23 5.39 36.18
C VAL A 331 24.66 5.17 34.72
N LEU A 332 25.39 6.12 34.16
CA LEU A 332 25.85 6.02 32.79
C LEU A 332 27.14 5.22 32.70
N GLY A 333 27.35 4.58 31.57
CA GLY A 333 28.60 3.87 31.31
C GLY A 333 28.46 2.75 30.29
N ASN A 334 29.38 1.79 30.35
CA ASN A 334 29.40 0.70 29.44
C ASN A 334 28.19 -0.18 29.70
N PRO A 335 27.38 -0.42 28.64
CA PRO A 335 26.17 -1.21 28.87
C PRO A 335 26.39 -2.72 29.18
N LEU A 336 27.59 -3.26 29.06
CA LEU A 336 27.84 -4.55 29.60
C LEU A 336 28.19 -4.53 31.09
N THR A 337 28.37 -3.38 31.74
CA THR A 337 28.95 -3.36 33.06
C THR A 337 27.84 -3.44 34.08
N PRO A 338 27.95 -4.38 35.03
CA PRO A 338 26.97 -4.46 36.12
C PRO A 338 26.73 -3.10 36.77
N GLY A 339 25.46 -2.79 36.96
CA GLY A 339 25.02 -1.53 37.56
C GLY A 339 24.81 -0.35 36.63
N VAL A 340 25.16 -0.45 35.36
CA VAL A 340 24.99 0.68 34.48
C VAL A 340 23.54 0.66 34.05
N SER A 341 22.88 1.81 34.05
CA SER A 341 21.44 1.82 33.69
C SER A 341 21.18 2.77 32.54
N GLN A 342 22.21 3.37 31.99
CA GLN A 342 22.06 4.11 30.76
C GLN A 342 23.30 3.96 29.88
N GLY A 343 23.09 3.60 28.63
CA GLY A 343 24.17 3.47 27.67
C GLY A 343 24.36 4.73 26.85
N PRO A 344 25.20 4.65 25.82
CA PRO A 344 25.48 5.67 24.89
C PRO A 344 24.43 5.73 23.81
N GLN A 345 24.48 6.81 23.03
CA GLN A 345 23.76 6.92 21.78
C GLN A 345 24.58 6.16 20.75
N ILE A 346 23.96 5.90 19.62
CA ILE A 346 24.51 4.93 18.69
C ILE A 346 25.78 5.37 17.98
N ASP A 347 25.88 6.62 17.61
CA ASP A 347 27.04 7.12 16.84
C ASP A 347 27.12 8.66 16.95
N LYS A 348 28.17 9.20 16.39
CA LYS A 348 28.47 10.64 16.50
C LYS A 348 27.42 11.53 15.84
N GLU A 349 26.93 11.15 14.67
CA GLU A 349 25.88 11.88 13.99
C GLU A 349 24.69 12.05 14.91
N GLN A 350 24.16 10.96 15.49
CA GLN A 350 23.04 11.07 16.42
C GLN A 350 23.36 11.93 17.67
N TYR A 351 24.46 11.62 18.29
CA TYR A 351 24.99 12.40 19.44
C TYR A 351 24.92 13.92 19.18
N GLU A 352 25.47 14.32 18.06
CA GLU A 352 25.49 15.74 17.73
C GLU A 352 24.11 16.26 17.40
N LYS A 353 23.28 15.42 16.76
CA LYS A 353 21.90 15.85 16.48
C LYS A 353 21.18 16.20 17.76
N ILE A 354 21.37 15.35 18.74
CA ILE A 354 20.70 15.46 19.96
C ILE A 354 21.23 16.68 20.76
N LEU A 355 22.54 16.88 20.82
CA LEU A 355 23.10 18.03 21.53
C LEU A 355 22.58 19.35 20.98
N ASP A 356 22.55 19.46 19.66
CA ASP A 356 22.04 20.59 18.94
C ASP A 356 20.58 20.84 19.32
N LEU A 357 19.76 19.79 19.34
CA LEU A 357 18.38 19.98 19.74
C LEU A 357 18.31 20.43 21.18
N ILE A 358 19.16 19.87 22.06
CA ILE A 358 19.16 20.27 23.47
C ILE A 358 19.49 21.78 23.56
N GLU A 359 20.51 22.19 22.81
CA GLU A 359 20.85 23.65 22.70
C GLU A 359 19.69 24.48 22.20
N SER A 360 18.91 23.98 21.25
CA SER A 360 17.81 24.76 20.72
C SER A 360 16.72 24.95 21.77
N GLY A 361 16.49 23.96 22.64
CA GLY A 361 15.50 24.09 23.73
C GLY A 361 15.97 25.15 24.74
N LYS A 362 17.27 25.20 24.99
CA LYS A 362 17.82 26.28 25.85
C LYS A 362 17.62 27.62 25.19
N LYS A 363 18.04 27.74 23.92
CA LYS A 363 17.86 28.98 23.24
C LYS A 363 16.42 29.50 23.11
N GLU A 364 15.43 28.61 23.04
CA GLU A 364 14.08 28.98 22.67
C GLU A 364 13.26 29.16 23.91
N GLY A 365 13.84 28.99 25.08
CA GLY A 365 13.17 29.39 26.30
C GLY A 365 12.54 28.28 27.13
N ALA A 366 12.80 27.01 26.79
CA ALA A 366 12.29 25.97 27.63
C ALA A 366 13.08 25.94 28.90
N LYS A 367 12.47 25.42 29.96
CA LYS A 367 13.11 25.39 31.22
C LYS A 367 13.92 24.07 31.43
N LEU A 368 15.25 24.18 31.44
CA LEU A 368 16.07 23.03 31.66
C LEU A 368 15.98 22.63 33.11
N GLU A 369 15.45 21.44 33.37
CA GLU A 369 15.28 20.99 34.73
C GLU A 369 16.39 20.09 35.20
N CYS A 370 17.03 19.36 34.28
CA CYS A 370 18.15 18.48 34.63
C CYS A 370 18.86 18.08 33.36
N GLY A 371 20.03 17.51 33.55
CA GLY A 371 20.87 17.04 32.44
C GLY A 371 21.26 18.20 31.56
N GLY A 372 21.21 18.01 30.26
CA GLY A 372 21.35 19.08 29.31
C GLY A 372 22.73 19.18 28.68
N GLY A 373 23.51 18.13 28.73
CA GLY A 373 24.78 18.14 28.03
C GLY A 373 25.38 16.76 28.01
N PRO A 374 26.59 16.64 27.41
CA PRO A 374 27.28 15.38 27.27
C PRO A 374 27.82 14.92 28.61
N TRP A 375 28.40 13.74 28.61
CA TRP A 375 28.91 13.07 29.80
C TRP A 375 30.13 12.31 29.37
N GLY A 376 31.25 12.47 30.09
CA GLY A 376 32.41 11.63 29.92
C GLY A 376 33.15 12.13 28.72
N ASN A 377 34.20 11.40 28.35
CA ASN A 377 35.04 11.77 27.23
C ASN A 377 35.33 10.60 26.28
N LYS A 378 34.54 9.57 26.37
CA LYS A 378 34.68 8.44 25.48
C LYS A 378 33.30 7.84 25.31
N GLY A 379 32.96 7.54 24.07
CA GLY A 379 31.63 7.05 23.76
C GLY A 379 30.61 8.19 23.73
N TYR A 380 29.47 7.92 23.12
CA TYR A 380 28.50 8.95 22.80
C TYR A 380 27.43 9.14 23.85
N PHE A 381 27.82 9.62 25.04
CA PHE A 381 26.91 9.62 26.20
C PHE A 381 26.28 10.99 26.37
N ILE A 382 24.96 11.03 26.65
CA ILE A 382 24.29 12.31 26.92
C ILE A 382 23.53 12.16 28.18
N GLN A 383 23.61 13.16 29.02
CA GLN A 383 22.95 13.12 30.34
C GLN A 383 21.45 13.12 30.15
N PRO A 384 20.70 12.33 30.97
CA PRO A 384 19.26 12.38 30.72
C PRO A 384 18.73 13.74 31.04
N THR A 385 17.97 14.35 30.11
CA THR A 385 17.56 15.72 30.15
C THR A 385 16.04 15.85 30.16
N VAL A 386 15.51 16.64 31.10
CA VAL A 386 14.12 17.06 31.11
C VAL A 386 13.97 18.56 30.91
N PHE A 387 13.10 18.95 30.00
CA PHE A 387 12.65 20.33 29.80
C PHE A 387 11.17 20.49 30.18
N SER A 388 10.83 21.54 30.95
CA SER A 388 9.45 21.93 31.23
C SER A 388 9.14 23.25 30.54
N ASP A 389 7.86 23.64 30.64
CA ASP A 389 7.32 24.86 29.97
C ASP A 389 7.66 24.87 28.52
N VAL A 390 7.55 23.70 27.88
CA VAL A 390 7.83 23.60 26.44
C VAL A 390 6.60 24.05 25.70
N THR A 391 6.76 24.72 24.56
CA THR A 391 5.63 25.16 23.78
C THR A 391 5.74 24.59 22.35
N ASP A 392 4.63 24.59 21.67
CA ASP A 392 4.42 23.78 20.46
C ASP A 392 5.24 24.13 19.31
N ASP A 393 5.70 25.36 19.30
N ASP A 393 5.72 25.36 19.22
CA ASP A 393 6.50 25.93 18.23
CA ASP A 393 6.55 25.74 18.09
C ASP A 393 8.03 25.71 18.43
C ASP A 393 8.05 25.73 18.42
N MET A 394 8.44 25.17 19.56
CA MET A 394 9.85 24.88 19.81
C MET A 394 10.32 23.67 19.00
N ARG A 395 11.58 23.71 18.53
CA ARG A 395 12.17 22.61 17.81
C ARG A 395 12.01 21.32 18.64
N ILE A 396 12.31 21.34 19.91
CA ILE A 396 12.20 20.14 20.72
C ILE A 396 10.76 19.58 20.84
N ALA A 397 9.76 20.40 20.55
CA ALA A 397 8.37 19.98 20.50
C ALA A 397 7.98 19.47 19.10
N LYS A 398 8.77 19.77 18.09
CA LYS A 398 8.40 19.45 16.71
C LYS A 398 9.19 18.31 16.11
N GLU A 399 10.48 18.30 16.39
CA GLU A 399 11.37 17.39 15.70
C GLU A 399 11.67 16.19 16.57
N GLU A 400 11.80 15.04 15.89
CA GLU A 400 12.15 13.78 16.58
C GLU A 400 13.59 13.88 17.02
N ILE A 401 13.81 13.83 18.34
CA ILE A 401 15.15 14.05 18.92
C ILE A 401 15.93 12.72 18.96
N PHE A 402 15.28 11.62 19.36
CA PHE A 402 15.96 10.29 19.40
C PHE A 402 17.12 10.22 20.38
N GLY A 403 16.91 10.87 21.54
CA GLY A 403 17.85 10.88 22.61
C GLY A 403 17.12 11.08 23.92
N PRO A 404 17.85 11.02 25.03
CA PRO A 404 17.23 11.01 26.34
C PRO A 404 16.78 12.40 26.81
N VAL A 405 15.69 12.92 26.19
CA VAL A 405 15.29 14.31 26.30
C VAL A 405 13.78 14.29 26.35
N GLN A 406 13.25 14.59 27.53
CA GLN A 406 11.84 14.67 27.78
C GLN A 406 11.30 16.09 27.74
N GLN A 407 10.20 16.29 27.01
CA GLN A 407 9.52 17.59 26.94
C GLN A 407 8.20 17.54 27.71
N ILE A 408 8.00 18.44 28.68
CA ILE A 408 6.77 18.46 29.48
C ILE A 408 6.04 19.75 29.18
N MET A 409 4.77 19.63 28.84
CA MET A 409 3.96 20.74 28.38
C MET A 409 2.63 20.70 29.12
N LYS A 410 2.00 21.87 29.21
CA LYS A 410 0.81 22.06 29.98
C LYS A 410 -0.42 22.19 29.09
N PHE A 411 -1.59 21.75 29.52
CA PHE A 411 -2.79 22.14 28.81
C PHE A 411 -3.86 22.27 29.86
N LYS A 412 -4.99 22.86 29.46
CA LYS A 412 -6.17 22.99 30.31
C LYS A 412 -7.44 22.44 29.63
N SER A 413 -7.60 22.72 28.35
CA SER A 413 -8.77 22.30 27.62
C SER A 413 -8.59 20.91 26.93
N LEU A 414 -9.58 20.05 27.07
CA LEU A 414 -9.63 18.78 26.32
C LEU A 414 -9.64 18.93 24.83
N ASP A 415 -10.50 19.78 24.31
CA ASP A 415 -10.50 20.03 22.87
C ASP A 415 -9.17 20.59 22.36
N ASP A 416 -8.52 21.43 23.16
CA ASP A 416 -7.24 22.04 22.78
C ASP A 416 -6.10 21.00 22.78
N VAL A 417 -6.06 20.13 23.77
CA VAL A 417 -4.95 19.17 23.88
C VAL A 417 -5.05 18.16 22.73
N ILE A 418 -6.27 17.79 22.34
CA ILE A 418 -6.46 16.93 21.18
C ILE A 418 -5.96 17.57 19.90
N LYS A 419 -6.39 18.80 19.61
CA LYS A 419 -5.88 19.55 18.45
C LYS A 419 -4.35 19.69 18.51
N ARG A 420 -3.79 20.00 19.65
CA ARG A 420 -2.31 20.09 19.77
C ARG A 420 -1.61 18.73 19.57
N ALA A 421 -2.14 17.69 20.19
CA ALA A 421 -1.58 16.33 19.97
C ALA A 421 -1.53 15.96 18.49
N ASN A 422 -2.59 16.33 17.76
CA ASN A 422 -2.79 15.97 16.38
C ASN A 422 -2.09 16.85 15.45
N ASN A 423 -1.56 17.97 15.96
CA ASN A 423 -0.95 18.98 15.05
C ASN A 423 0.49 18.68 14.77
N THR A 424 0.70 17.68 13.94
CA THR A 424 2.04 17.22 13.55
C THR A 424 1.86 16.42 12.28
N PHE A 425 2.92 16.23 11.52
CA PHE A 425 2.89 15.36 10.35
C PHE A 425 3.07 13.91 10.80
N TYR A 426 3.52 13.71 12.04
CA TYR A 426 3.76 12.39 12.58
C TYR A 426 2.44 11.79 13.05
N GLY A 427 2.39 10.48 13.19
CA GLY A 427 1.24 9.81 13.76
C GLY A 427 1.50 8.40 14.24
N LEU A 428 2.58 8.13 14.94
CA LEU A 428 2.90 6.72 15.18
C LEU A 428 2.11 6.15 16.34
N SER A 429 2.14 6.87 17.47
CA SER A 429 1.52 6.34 18.68
C SER A 429 1.14 7.46 19.59
N ALA A 430 0.37 7.18 20.62
CA ALA A 430 -0.02 8.17 21.60
C ALA A 430 -0.44 7.44 22.82
N GLY A 431 -0.45 8.14 23.95
CA GLY A 431 -0.88 7.57 25.26
C GLY A 431 -1.86 8.51 25.93
N ILE A 432 -2.78 7.97 26.73
CA ILE A 432 -3.69 8.79 27.45
C ILE A 432 -3.77 8.18 28.82
N PHE A 433 -3.79 9.02 29.87
CA PHE A 433 -3.88 8.54 31.25
C PHE A 433 -5.08 9.20 31.89
N THR A 434 -6.09 8.39 32.24
CA THR A 434 -7.35 8.89 32.80
C THR A 434 -8.04 7.68 33.40
N ASN A 435 -8.92 7.93 34.36
CA ASN A 435 -9.72 6.82 34.86
C ASN A 435 -11.17 6.87 34.34
N ASP A 436 -11.44 7.88 33.51
CA ASP A 436 -12.76 8.15 32.91
C ASP A 436 -12.99 7.29 31.61
N ILE A 437 -14.00 6.43 31.64
CA ILE A 437 -14.33 5.51 30.55
C ILE A 437 -14.56 6.28 29.29
N ASP A 438 -15.44 7.28 29.40
CA ASP A 438 -15.77 8.10 28.25
C ASP A 438 -14.55 8.76 27.58
N LYS A 439 -13.67 9.31 28.38
CA LYS A 439 -12.53 9.96 27.79
C LYS A 439 -11.58 8.91 27.15
N ALA A 440 -11.42 7.77 27.79
CA ALA A 440 -10.51 6.75 27.27
C ALA A 440 -10.94 6.34 25.89
N ILE A 441 -12.24 6.17 25.72
CA ILE A 441 -12.76 5.76 24.38
C ILE A 441 -12.80 6.87 23.36
N THR A 442 -13.37 8.03 23.71
CA THR A 442 -13.54 9.09 22.74
C THR A 442 -12.22 9.75 22.42
N VAL A 443 -11.33 9.91 23.42
CA VAL A 443 -10.09 10.57 23.10
C VAL A 443 -9.21 9.64 22.25
N SER A 444 -9.15 8.36 22.59
CA SER A 444 -8.41 7.44 21.77
C SER A 444 -8.98 7.39 20.34
N SER A 445 -10.31 7.54 20.16
CA SER A 445 -10.86 7.65 18.79
C SER A 445 -10.43 8.86 18.04
N ALA A 446 -10.23 9.98 18.75
CA ALA A 446 -9.94 11.24 18.09
C ALA A 446 -8.48 11.46 17.78
N LEU A 447 -7.60 10.73 18.46
CA LEU A 447 -6.17 10.91 18.20
C LEU A 447 -5.76 10.29 16.86
N GLN A 448 -5.00 11.02 16.05
CA GLN A 448 -4.54 10.52 14.78
C GLN A 448 -3.19 9.80 14.92
N SER A 449 -3.24 8.63 15.57
CA SER A 449 -2.09 7.86 15.86
C SER A 449 -2.37 6.37 15.66
N GLY A 450 -1.40 5.63 15.11
CA GLY A 450 -1.56 4.23 14.82
C GLY A 450 -1.81 3.31 15.98
N THR A 451 -1.08 3.53 17.11
CA THR A 451 -1.36 2.84 18.38
C THR A 451 -1.71 3.86 19.50
N VAL A 452 -2.78 3.67 20.28
CA VAL A 452 -3.05 4.50 21.41
C VAL A 452 -3.08 3.67 22.62
N TRP A 453 -2.18 3.96 23.57
CA TRP A 453 -2.19 3.30 24.85
C TRP A 453 -3.01 4.03 25.89
N VAL A 454 -3.69 3.29 26.74
CA VAL A 454 -4.55 3.86 27.77
C VAL A 454 -4.09 3.37 29.14
N ASN A 455 -3.60 4.33 29.94
CA ASN A 455 -3.00 4.07 31.21
C ASN A 455 -1.76 3.19 31.19
N CYS A 456 -1.05 3.22 30.07
CA CYS A 456 0.16 2.52 29.88
C CYS A 456 0.84 3.20 28.72
N TYR A 457 2.03 2.70 28.40
CA TYR A 457 2.78 3.28 27.28
C TYR A 457 3.78 2.21 26.78
N SER A 458 4.13 2.22 25.48
CA SER A 458 5.19 1.31 24.98
C SER A 458 4.83 -0.17 25.08
N VAL A 459 3.57 -0.52 25.06
CA VAL A 459 3.18 -1.96 25.12
C VAL A 459 3.02 -2.47 23.69
N VAL A 460 4.03 -3.23 23.26
CA VAL A 460 4.13 -3.74 21.92
C VAL A 460 4.15 -5.27 21.99
N SER A 461 3.28 -5.92 21.24
CA SER A 461 3.16 -7.39 21.28
C SER A 461 2.93 -7.87 19.86
N ALA A 462 3.38 -9.10 19.58
CA ALA A 462 3.32 -9.64 18.23
C ALA A 462 1.85 -9.78 17.68
N GLN A 463 0.87 -9.91 18.58
CA GLN A 463 -0.55 -10.15 18.20
C GLN A 463 -1.22 -8.85 17.66
N CYS A 464 -0.55 -7.71 17.83
CA CYS A 464 -1.13 -6.40 17.49
C CYS A 464 -0.51 -5.82 16.23
N PRO A 465 -1.34 -5.25 15.35
CA PRO A 465 -0.74 -4.58 14.19
C PRO A 465 -0.10 -3.30 14.68
N PHE A 466 0.97 -2.87 14.02
CA PHE A 466 1.79 -1.76 14.50
C PHE A 466 2.22 -0.92 13.30
N GLY A 467 1.98 0.41 13.41
CA GLY A 467 2.48 1.32 12.38
C GLY A 467 1.80 2.69 12.45
N GLY A 468 2.12 3.58 11.53
CA GLY A 468 1.79 4.99 11.68
C GLY A 468 0.63 5.49 10.84
N PHE A 469 -0.04 6.53 11.34
CA PHE A 469 -0.84 7.40 10.52
C PHE A 469 0.08 8.43 9.88
N LYS A 470 -0.45 9.12 8.85
CA LYS A 470 0.22 10.26 8.22
C LYS A 470 1.68 9.92 7.88
N MET A 471 2.65 10.78 8.21
CA MET A 471 4.01 10.58 7.76
C MET A 471 4.84 9.69 8.69
N SER A 472 4.21 9.06 9.67
CA SER A 472 4.91 8.05 10.47
C SER A 472 4.83 6.65 9.81
N GLY A 473 4.12 6.50 8.69
CA GLY A 473 4.17 5.21 8.06
C GLY A 473 3.15 4.95 6.99
N ASN A 474 3.38 3.88 6.24
CA ASN A 474 2.39 3.28 5.34
C ASN A 474 2.31 1.80 5.76
N GLY A 475 1.10 1.29 5.93
CA GLY A 475 0.92 -0.12 6.25
C GLY A 475 1.05 -0.46 7.73
N ARG A 476 0.79 -1.74 8.03
CA ARG A 476 0.95 -2.26 9.38
C ARG A 476 1.88 -3.49 9.41
N GLU A 477 2.56 -3.65 10.53
CA GLU A 477 3.40 -4.83 10.80
C GLU A 477 2.84 -5.61 11.93
N LEU A 478 2.92 -6.92 11.79
CA LEU A 478 2.54 -7.89 12.80
C LEU A 478 1.02 -7.97 12.94
N GLY A 479 0.55 -8.69 13.96
CA GLY A 479 -0.86 -9.02 14.06
C GLY A 479 -1.38 -9.70 12.78
N GLU A 480 -2.69 -9.95 12.73
CA GLU A 480 -3.30 -10.47 11.56
C GLU A 480 -3.14 -9.56 10.37
N TYR A 481 -3.30 -8.26 10.61
CA TYR A 481 -3.34 -7.24 9.57
CA TYR A 481 -3.31 -7.25 9.54
C TYR A 481 -1.96 -7.15 8.87
N GLY A 482 -0.87 -7.23 9.62
CA GLY A 482 0.45 -7.14 8.97
C GLY A 482 0.77 -8.23 7.96
N PHE A 483 0.26 -9.42 8.31
CA PHE A 483 0.51 -10.64 7.60
C PHE A 483 -0.12 -10.48 6.29
N HIS A 484 -1.07 -10.07 6.25
CA HIS A 484 -1.79 -9.93 5.00
C HIS A 484 -1.12 -8.94 4.06
N GLU A 485 -0.60 -7.99 4.49
CA GLU A 485 0.25 -7.14 3.60
C GLU A 485 1.61 -7.76 3.02
N TYR A 486 1.93 -8.95 3.41
CA TYR A 486 3.01 -9.72 2.71
C TYR A 486 2.39 -10.77 1.75
N THR A 487 1.15 -10.52 1.33
CA THR A 487 0.45 -11.39 0.35
C THR A 487 -0.05 -10.50 -0.82
N GLU A 488 -0.19 -11.13 -1.98
CA GLU A 488 -0.79 -10.52 -3.16
C GLU A 488 -1.99 -11.36 -3.51
N VAL A 489 -3.13 -10.73 -3.64
CA VAL A 489 -4.38 -11.46 -3.89
C VAL A 489 -4.58 -11.77 -5.34
N LYS A 490 -4.89 -13.03 -5.64
CA LYS A 490 -5.21 -13.44 -7.01
C LYS A 490 -6.66 -13.94 -7.03
N THR A 491 -7.47 -13.44 -7.92
CA THR A 491 -8.85 -13.94 -8.03
C THR A 491 -8.90 -14.90 -9.22
N VAL A 492 -9.49 -16.08 -9.00
CA VAL A 492 -9.65 -17.06 -10.07
C VAL A 492 -11.14 -17.30 -10.28
N THR A 493 -11.60 -17.12 -11.52
CA THR A 493 -13.01 -17.23 -11.80
C THR A 493 -13.23 -18.23 -12.90
N ILE A 494 -13.96 -19.30 -12.57
CA ILE A 494 -14.15 -20.45 -13.42
C ILE A 494 -15.59 -20.55 -13.88
N LYS A 495 -15.77 -20.61 -15.18
CA LYS A 495 -17.10 -20.78 -15.77
C LYS A 495 -17.59 -22.16 -15.49
N ILE A 496 -18.85 -22.25 -15.05
CA ILE A 496 -19.45 -23.55 -14.77
C ILE A 496 -20.83 -23.63 -15.41
N SER A 497 -21.37 -24.83 -15.58
CA SER A 497 -22.63 -24.98 -16.31
C SER A 497 -23.77 -24.43 -15.48
N GLN A 498 -23.72 -24.68 -14.17
CA GLN A 498 -24.76 -24.19 -13.27
C GLN A 498 -24.23 -23.99 -11.85
N LYS A 499 -24.44 -22.80 -11.30
CA LYS A 499 -24.02 -22.51 -9.95
C LYS A 499 -25.17 -22.81 -9.01
N ASN A 500 -24.87 -23.32 -7.83
CA ASN A 500 -25.81 -23.45 -6.73
C ASN A 500 -25.19 -22.88 -5.43
N SER A 501 -26.05 -22.30 -4.60
CA SER A 501 -25.63 -21.78 -3.29
C SER A 501 -25.02 -22.89 -2.45
N ASP B 8 -35.74 -5.07 -23.71
CA ASP B 8 -36.08 -3.63 -23.55
C ASP B 8 -34.79 -2.86 -23.23
N VAL B 9 -34.14 -2.43 -24.28
CA VAL B 9 -33.28 -1.27 -24.21
C VAL B 9 -34.04 -0.10 -24.84
N PRO B 10 -34.36 0.97 -24.10
CA PRO B 10 -35.08 2.08 -24.74
C PRO B 10 -34.27 2.84 -25.79
N ALA B 11 -34.95 3.67 -26.58
CA ALA B 11 -34.27 4.55 -27.49
C ALA B 11 -33.47 5.58 -26.67
N PRO B 12 -32.30 5.92 -27.18
CA PRO B 12 -31.48 6.92 -26.54
C PRO B 12 -32.11 8.32 -26.67
N LEU B 13 -31.76 9.23 -25.77
CA LEU B 13 -32.26 10.59 -25.86
C LEU B 13 -31.43 11.18 -27.00
N THR B 14 -31.91 12.21 -27.66
CA THR B 14 -31.15 12.79 -28.78
C THR B 14 -30.74 14.20 -28.47
N ASN B 15 -31.65 14.90 -27.86
CA ASN B 15 -31.56 16.33 -28.02
C ASN B 15 -31.05 16.79 -26.69
N LEU B 16 -30.06 16.07 -26.17
CA LEU B 16 -29.63 16.23 -24.78
C LEU B 16 -29.14 17.66 -24.40
N GLN B 17 -29.73 18.24 -23.36
CA GLN B 17 -29.30 19.55 -22.89
C GLN B 17 -28.44 19.35 -21.62
N PHE B 18 -27.32 20.04 -21.54
CA PHE B 18 -26.40 19.94 -20.41
C PHE B 18 -26.68 20.98 -19.39
N LYS B 19 -26.49 20.57 -18.15
CA LYS B 19 -26.88 21.33 -17.05
C LYS B 19 -25.73 21.44 -16.05
N TYR B 20 -25.04 20.31 -15.80
CA TYR B 20 -23.99 20.25 -14.76
C TYR B 20 -22.61 20.32 -15.44
N THR B 21 -22.02 21.50 -15.37
CA THR B 21 -20.79 21.78 -16.10
C THR B 21 -19.79 22.47 -15.22
N LYS B 22 -19.98 22.49 -13.90
CA LYS B 22 -19.10 23.20 -13.02
C LYS B 22 -18.34 22.33 -12.04
N ILE B 23 -17.55 22.99 -11.19
CA ILE B 23 -16.78 22.33 -10.15
C ILE B 23 -17.71 22.13 -8.97
N PHE B 24 -17.71 20.92 -8.42
CA PHE B 24 -18.60 20.60 -7.32
C PHE B 24 -17.89 20.52 -5.98
N ILE B 25 -18.21 21.42 -5.06
CA ILE B 25 -17.56 21.46 -3.74
C ILE B 25 -18.58 21.83 -2.73
N ASN B 26 -18.58 21.13 -1.61
CA ASN B 26 -19.60 21.33 -0.60
C ASN B 26 -21.03 21.33 -1.11
N ASN B 27 -21.34 20.41 -1.96
CA ASN B 27 -22.66 20.28 -2.51
C ASN B 27 -23.13 21.55 -3.29
N GLU B 28 -22.19 22.33 -3.74
CA GLU B 28 -22.53 23.42 -4.59
C GLU B 28 -21.67 23.47 -5.84
N TRP B 29 -22.19 24.11 -6.85
CA TRP B 29 -21.52 24.33 -8.11
C TRP B 29 -20.75 25.66 -8.19
N HIS B 30 -19.52 25.62 -8.63
CA HIS B 30 -18.63 26.79 -8.61
C HIS B 30 -18.05 26.97 -9.99
N SER B 31 -17.82 28.21 -10.39
CA SER B 31 -16.89 28.48 -11.50
C SER B 31 -15.45 28.13 -11.09
N SER B 32 -14.61 27.81 -12.03
CA SER B 32 -13.18 27.76 -11.82
C SER B 32 -12.66 29.09 -11.27
N VAL B 33 -11.62 29.01 -10.47
CA VAL B 33 -11.00 30.19 -9.92
C VAL B 33 -10.39 31.03 -11.04
N SER B 34 -9.80 30.45 -12.04
CA SER B 34 -9.27 31.24 -13.15
C SER B 34 -10.36 31.80 -14.07
N GLY B 35 -11.59 31.25 -14.00
CA GLY B 35 -12.60 31.48 -15.01
C GLY B 35 -12.44 30.75 -16.32
N LYS B 36 -11.36 30.01 -16.53
CA LYS B 36 -11.27 29.19 -17.74
C LYS B 36 -12.25 28.00 -17.81
N LYS B 37 -12.66 27.64 -19.01
CA LYS B 37 -13.43 26.46 -19.33
C LYS B 37 -12.72 25.66 -20.35
N PHE B 38 -13.06 24.40 -20.52
CA PHE B 38 -12.50 23.61 -21.57
C PHE B 38 -13.61 22.87 -22.29
N PRO B 39 -13.46 22.66 -23.58
CA PRO B 39 -14.49 22.00 -24.42
C PRO B 39 -14.54 20.47 -24.24
N VAL B 40 -15.71 19.87 -24.38
CA VAL B 40 -15.91 18.41 -24.31
C VAL B 40 -16.65 17.97 -25.59
N PHE B 41 -16.12 16.94 -26.22
CA PHE B 41 -16.51 16.50 -27.55
C PHE B 41 -17.17 15.13 -27.57
N ASN B 42 -17.98 14.91 -28.62
CA ASN B 42 -18.43 13.61 -29.04
C ASN B 42 -17.41 13.05 -29.99
N PRO B 43 -16.79 11.92 -29.62
CA PRO B 43 -15.74 11.39 -30.50
C PRO B 43 -16.23 10.75 -31.77
N ALA B 44 -17.49 10.42 -31.85
CA ALA B 44 -18.04 9.86 -33.08
C ALA B 44 -18.24 10.94 -34.20
N THR B 45 -18.48 12.17 -33.79
CA THR B 45 -18.93 13.20 -34.73
C THR B 45 -18.00 14.38 -34.70
N GLU B 46 -17.07 14.41 -33.74
CA GLU B 46 -16.20 15.54 -33.42
C GLU B 46 -16.86 16.85 -33.08
N GLU B 47 -18.13 16.83 -32.76
CA GLU B 47 -18.79 18.06 -32.44
C GLU B 47 -18.63 18.32 -30.93
N LYS B 48 -18.60 19.58 -30.52
CA LYS B 48 -18.53 19.96 -29.15
C LYS B 48 -19.89 19.72 -28.46
N LEU B 49 -19.90 19.08 -27.30
CA LEU B 49 -21.11 18.91 -26.52
C LEU B 49 -21.38 20.13 -25.66
N CYS B 50 -20.35 20.63 -24.99
CA CYS B 50 -20.45 21.76 -24.08
C CYS B 50 -19.08 22.10 -23.59
N GLU B 51 -19.02 23.10 -22.74
CA GLU B 51 -17.83 23.48 -22.08
C GLU B 51 -18.01 23.23 -20.60
N VAL B 52 -16.93 22.93 -19.90
CA VAL B 52 -16.94 22.65 -18.51
C VAL B 52 -15.88 23.54 -17.87
N GLU B 53 -16.11 23.92 -16.62
CA GLU B 53 -15.16 24.70 -15.86
C GLU B 53 -13.81 23.97 -15.74
N GLU B 54 -12.70 24.67 -16.03
CA GLU B 54 -11.36 24.08 -15.96
C GLU B 54 -10.76 24.16 -14.57
N GLY B 55 -10.85 23.05 -13.83
CA GLY B 55 -10.33 23.02 -12.51
C GLY B 55 -8.82 22.89 -12.52
N ASP B 56 -8.19 23.54 -11.54
CA ASP B 56 -6.71 23.56 -11.42
C ASP B 56 -6.39 23.51 -9.95
N LYS B 57 -5.10 23.71 -9.65
CA LYS B 57 -4.56 23.63 -8.31
C LYS B 57 -5.40 24.38 -7.30
N GLU B 58 -5.81 25.60 -7.61
CA GLU B 58 -6.51 26.38 -6.58
CA GLU B 58 -6.54 26.43 -6.67
C GLU B 58 -7.91 25.83 -6.33
N ASP B 59 -8.52 25.25 -7.32
CA ASP B 59 -9.86 24.62 -7.15
C ASP B 59 -9.73 23.32 -6.36
N VAL B 60 -8.70 22.54 -6.66
CA VAL B 60 -8.37 21.33 -5.86
C VAL B 60 -8.14 21.73 -4.39
N ASP B 61 -7.38 22.79 -4.14
CA ASP B 61 -7.19 23.22 -2.75
C ASP B 61 -8.50 23.50 -2.04
N LYS B 62 -9.43 24.16 -2.74
CA LYS B 62 -10.77 24.40 -2.16
C LYS B 62 -11.52 23.05 -1.86
N ALA B 63 -11.44 22.15 -2.80
CA ALA B 63 -12.12 20.83 -2.66
C ALA B 63 -11.48 20.07 -1.48
N VAL B 64 -10.15 20.15 -1.32
CA VAL B 64 -9.47 19.42 -0.26
C VAL B 64 -9.83 20.02 1.07
N LYS B 65 -9.94 21.36 1.18
CA LYS B 65 -10.42 21.90 2.45
C LYS B 65 -11.81 21.48 2.81
N ALA B 66 -12.70 21.44 1.82
CA ALA B 66 -14.05 20.97 2.03
C ALA B 66 -14.12 19.52 2.51
N ALA B 67 -13.42 18.65 1.81
CA ALA B 67 -13.29 17.22 2.25
C ALA B 67 -12.68 17.01 3.64
N ARG B 68 -11.67 17.82 3.96
CA ARG B 68 -11.05 17.78 5.29
C ARG B 68 -12.01 18.20 6.36
N GLN B 69 -12.76 19.26 6.11
CA GLN B 69 -13.69 19.74 7.09
C GLN B 69 -14.80 18.74 7.30
N ALA B 70 -15.26 18.13 6.22
CA ALA B 70 -16.33 17.15 6.31
C ALA B 70 -15.89 15.90 7.07
N PHE B 71 -14.58 15.69 7.14
CA PHE B 71 -13.98 14.55 7.83
C PHE B 71 -13.66 14.81 9.33
N GLN B 72 -13.81 16.05 9.81
CA GLN B 72 -13.47 16.38 11.20
C GLN B 72 -14.22 15.56 12.19
N ILE B 73 -13.51 15.08 13.21
CA ILE B 73 -14.19 14.49 14.38
C ILE B 73 -15.42 15.30 14.78
N GLY B 74 -16.57 14.68 15.06
CA GLY B 74 -17.80 15.39 15.36
C GLY B 74 -18.61 15.90 14.17
N SER B 75 -18.11 15.81 12.95
CA SER B 75 -18.95 16.21 11.78
C SER B 75 -20.10 15.20 11.53
N PRO B 76 -21.18 15.62 10.80
CA PRO B 76 -22.25 14.72 10.38
C PRO B 76 -21.73 13.40 9.72
N TRP B 77 -20.75 13.52 8.84
CA TRP B 77 -20.29 12.33 8.16
C TRP B 77 -19.54 11.37 9.12
N ARG B 78 -18.80 11.94 10.08
CA ARG B 78 -18.05 11.09 10.98
C ARG B 78 -18.94 10.47 12.06
N THR B 79 -19.98 11.17 12.47
CA THR B 79 -20.81 10.70 13.57
C THR B 79 -22.04 9.91 13.13
N MET B 80 -22.35 9.91 11.84
CA MET B 80 -23.49 9.15 11.30
C MET B 80 -23.29 7.66 11.54
N ASP B 81 -24.39 6.94 11.75
CA ASP B 81 -24.33 5.50 11.84
C ASP B 81 -23.82 4.95 10.51
N ALA B 82 -22.92 3.96 10.59
CA ALA B 82 -22.42 3.26 9.43
C ALA B 82 -23.58 2.79 8.58
N SER B 83 -24.64 2.33 9.19
CA SER B 83 -25.77 1.80 8.44
C SER B 83 -26.49 2.88 7.64
N GLU B 84 -26.40 4.14 8.09
CA GLU B 84 -26.95 5.30 7.38
C GLU B 84 -26.03 5.65 6.20
N ARG B 85 -24.74 5.48 6.34
CA ARG B 85 -23.88 5.58 5.16
C ARG B 85 -24.35 4.61 4.03
N GLY B 86 -24.66 3.39 4.44
CA GLY B 86 -25.22 2.38 3.56
C GLY B 86 -26.54 2.77 2.94
N ARG B 87 -27.48 3.26 3.74
N ARG B 87 -27.48 3.26 3.75
CA ARG B 87 -28.75 3.75 3.21
CA ARG B 87 -28.77 3.75 3.24
C ARG B 87 -28.55 4.81 2.16
C ARG B 87 -28.56 4.82 2.17
N LEU B 88 -27.63 5.74 2.41
CA LEU B 88 -27.39 6.84 1.49
C LEU B 88 -26.81 6.33 0.15
N LEU B 89 -25.88 5.36 0.23
CA LEU B 89 -25.40 4.72 -0.98
C LEU B 89 -26.49 4.02 -1.78
N ASN B 90 -27.39 3.33 -1.09
CA ASN B 90 -28.51 2.68 -1.78
C ASN B 90 -29.47 3.70 -2.39
N LYS B 91 -29.60 4.85 -1.74
CA LYS B 91 -30.46 5.87 -2.26
C LYS B 91 -29.83 6.44 -3.53
N LEU B 92 -28.53 6.60 -3.52
CA LEU B 92 -27.88 7.04 -4.69
C LEU B 92 -28.07 6.06 -5.86
N ALA B 93 -28.02 4.77 -5.58
CA ALA B 93 -28.18 3.78 -6.62
C ALA B 93 -29.60 3.90 -7.17
N ASP B 94 -30.59 4.17 -6.30
CA ASP B 94 -31.99 4.39 -6.75
C ASP B 94 -32.01 5.56 -7.75
N LEU B 95 -31.24 6.62 -7.45
CA LEU B 95 -31.27 7.80 -8.28
C LEU B 95 -30.64 7.51 -9.60
N ILE B 96 -29.61 6.67 -9.63
CA ILE B 96 -28.97 6.33 -10.88
C ILE B 96 -29.95 5.52 -11.75
N GLU B 97 -30.69 4.63 -11.11
CA GLU B 97 -31.76 3.80 -11.75
CA GLU B 97 -31.70 3.85 -11.86
C GLU B 97 -32.77 4.77 -12.40
N ARG B 98 -33.26 5.71 -11.61
CA ARG B 98 -34.20 6.72 -12.13
C ARG B 98 -33.63 7.41 -13.35
N ASP B 99 -32.37 7.84 -13.27
CA ASP B 99 -31.71 8.55 -14.35
C ASP B 99 -30.89 7.72 -15.36
N ARG B 100 -31.21 6.46 -15.50
CA ARG B 100 -30.37 5.53 -16.26
C ARG B 100 -30.31 5.88 -17.72
N LEU B 101 -31.45 6.29 -18.29
CA LEU B 101 -31.51 6.48 -19.73
C LEU B 101 -30.67 7.71 -20.04
N LEU B 102 -30.83 8.73 -19.23
CA LEU B 102 -30.13 10.00 -19.40
C LEU B 102 -28.63 9.76 -19.22
N LEU B 103 -28.23 9.08 -18.15
CA LEU B 103 -26.81 8.79 -17.98
C LEU B 103 -26.23 7.89 -19.08
N ALA B 104 -26.92 6.83 -19.49
CA ALA B 104 -26.40 6.02 -20.56
C ALA B 104 -26.24 6.80 -21.87
N THR B 105 -27.22 7.68 -22.16
CA THR B 105 -27.16 8.49 -23.34
C THR B 105 -25.94 9.41 -23.28
N MET B 106 -25.81 10.10 -22.17
CA MET B 106 -24.70 10.97 -21.94
C MET B 106 -23.42 10.19 -22.03
N GLU B 107 -23.36 9.01 -21.40
CA GLU B 107 -22.09 8.30 -21.44
C GLU B 107 -21.69 7.91 -22.86
N ALA B 108 -22.68 7.50 -23.66
CA ALA B 108 -22.45 7.08 -25.03
C ALA B 108 -22.00 8.24 -25.93
N MET B 109 -22.67 9.38 -25.82
CA MET B 109 -22.29 10.59 -26.56
C MET B 109 -20.87 11.07 -26.22
N ASN B 110 -20.57 11.20 -24.94
CA ASN B 110 -19.30 11.72 -24.49
C ASN B 110 -18.19 10.73 -24.69
N GLY B 111 -18.50 9.46 -24.50
CA GLY B 111 -17.43 8.43 -24.51
C GLY B 111 -17.19 7.61 -25.77
N GLY B 112 -18.01 7.77 -26.82
CA GLY B 112 -17.90 6.95 -27.99
C GLY B 112 -18.35 5.52 -27.75
N LYS B 113 -19.26 5.37 -26.84
CA LYS B 113 -19.61 4.05 -26.35
C LYS B 113 -20.97 3.54 -26.93
N LEU B 114 -20.98 2.34 -27.46
CA LEU B 114 -22.21 1.68 -27.87
C LEU B 114 -23.35 1.85 -26.86
N PHE B 115 -24.41 2.48 -27.33
CA PHE B 115 -25.41 2.89 -26.44
C PHE B 115 -26.04 1.71 -25.70
N SER B 116 -26.31 0.59 -26.35
CA SER B 116 -26.97 -0.50 -25.62
CA SER B 116 -26.94 -0.55 -25.65
C SER B 116 -26.04 -1.09 -24.53
N ASN B 117 -24.76 -1.13 -24.81
CA ASN B 117 -23.72 -1.52 -23.85
C ASN B 117 -23.69 -0.51 -22.67
N ALA B 118 -23.73 0.79 -22.95
CA ALA B 118 -23.80 1.76 -21.86
C ALA B 118 -25.01 1.53 -21.01
N TYR B 119 -26.15 1.30 -21.64
CA TYR B 119 -27.36 1.14 -20.86
C TYR B 119 -27.38 -0.15 -20.08
N LEU B 120 -27.00 -1.25 -20.68
CA LEU B 120 -27.06 -2.57 -20.03
C LEU B 120 -25.84 -2.87 -19.14
N MET B 121 -24.65 -2.78 -19.70
CA MET B 121 -23.46 -3.15 -18.99
C MET B 121 -23.03 -2.03 -18.05
N ASP B 122 -22.68 -0.85 -18.57
CA ASP B 122 -22.08 0.16 -17.72
C ASP B 122 -23.03 0.58 -16.63
N LEU B 123 -24.20 1.00 -17.01
CA LEU B 123 -25.20 1.43 -15.99
C LEU B 123 -25.65 0.35 -15.00
N GLY B 124 -25.84 -0.85 -15.52
CA GLY B 124 -26.12 -2.00 -14.67
C GLY B 124 -25.02 -2.19 -13.64
N GLY B 125 -23.78 -2.18 -14.11
CA GLY B 125 -22.62 -2.29 -13.24
C GLY B 125 -22.52 -1.16 -12.21
N CYS B 126 -22.84 0.08 -12.61
CA CYS B 126 -22.86 1.18 -11.67
C CYS B 126 -23.80 0.91 -10.52
N ILE B 127 -24.99 0.44 -10.84
CA ILE B 127 -25.99 0.22 -9.85
C ILE B 127 -25.56 -0.92 -8.92
N LYS B 128 -25.15 -2.02 -9.50
CA LYS B 128 -24.71 -3.18 -8.72
C LYS B 128 -23.52 -2.85 -7.84
N THR B 129 -22.57 -2.05 -8.34
CA THR B 129 -21.41 -1.70 -7.55
C THR B 129 -21.85 -0.92 -6.31
N LEU B 130 -22.73 0.07 -6.48
CA LEU B 130 -23.16 0.83 -5.32
C LEU B 130 -23.96 -0.03 -4.36
N ARG B 131 -24.82 -0.91 -4.84
CA ARG B 131 -25.57 -1.75 -3.91
C ARG B 131 -24.66 -2.63 -3.07
N TYR B 132 -23.61 -3.18 -3.73
CA TYR B 132 -22.64 -4.00 -3.03
C TYR B 132 -21.97 -3.18 -1.93
N CYS B 133 -21.44 -1.98 -2.29
CA CYS B 133 -20.77 -1.07 -1.35
C CYS B 133 -21.67 -0.70 -0.19
N ALA B 134 -22.93 -0.44 -0.48
CA ALA B 134 -23.86 -0.02 0.56
C ALA B 134 -23.91 -1.08 1.64
N GLY B 135 -23.93 -2.35 1.25
CA GLY B 135 -24.02 -3.44 2.20
C GLY B 135 -22.81 -3.66 3.10
N TRP B 136 -21.63 -3.22 2.66
CA TRP B 136 -20.43 -3.32 3.48
C TRP B 136 -20.34 -2.32 4.61
N ALA B 137 -21.05 -1.21 4.51
CA ALA B 137 -20.80 -0.07 5.40
C ALA B 137 -20.77 -0.37 6.86
N ASP B 138 -21.77 -1.11 7.35
CA ASP B 138 -21.84 -1.41 8.79
C ASP B 138 -21.34 -2.83 9.09
N LYS B 139 -20.56 -3.37 8.17
CA LYS B 139 -19.95 -4.69 8.31
C LYS B 139 -18.39 -4.62 8.28
N ILE B 140 -17.84 -3.43 8.15
CA ILE B 140 -16.38 -3.19 8.26
C ILE B 140 -16.06 -3.20 9.75
N GLN B 141 -15.30 -4.19 10.19
CA GLN B 141 -15.07 -4.43 11.60
C GLN B 141 -13.62 -4.50 11.95
N GLY B 142 -13.27 -4.14 13.19
CA GLY B 142 -11.91 -4.34 13.70
C GLY B 142 -11.94 -5.62 14.52
N ARG B 143 -10.97 -5.75 15.44
CA ARG B 143 -10.65 -6.95 16.13
C ARG B 143 -10.53 -6.69 17.59
N THR B 144 -10.72 -7.72 18.42
CA THR B 144 -10.20 -7.71 19.76
C THR B 144 -9.14 -8.81 19.78
N ILE B 145 -8.07 -8.56 20.52
CA ILE B 145 -6.82 -9.28 20.35
C ILE B 145 -6.28 -9.75 21.67
N PRO B 146 -6.05 -11.07 21.78
CA PRO B 146 -5.55 -11.65 23.06
C PRO B 146 -4.03 -11.49 23.21
N MET B 147 -3.59 -10.26 23.30
CA MET B 147 -2.17 -9.90 23.41
C MET B 147 -1.63 -10.32 24.76
N ASP B 148 -0.30 -10.43 24.85
CA ASP B 148 0.43 -10.74 26.07
C ASP B 148 0.26 -9.68 27.12
N GLY B 149 0.18 -10.11 28.38
CA GLY B 149 0.05 -9.20 29.50
C GLY B 149 -1.33 -8.76 29.88
N ASN B 150 -1.40 -8.00 30.97
CA ASN B 150 -2.67 -7.59 31.53
C ASN B 150 -3.18 -6.34 30.85
N PHE B 151 -3.68 -6.54 29.62
CA PHE B 151 -4.19 -5.53 28.72
C PHE B 151 -5.44 -6.01 28.00
N PHE B 152 -6.31 -5.05 27.68
CA PHE B 152 -7.40 -5.23 26.73
C PHE B 152 -7.04 -4.47 25.48
N THR B 153 -6.91 -5.17 24.35
CA THR B 153 -6.56 -4.55 23.09
C THR B 153 -7.61 -4.75 22.04
N TYR B 154 -7.89 -3.68 21.31
CA TYR B 154 -8.78 -3.77 20.18
C TYR B 154 -8.28 -2.92 19.06
N THR B 155 -8.88 -3.09 17.91
CA THR B 155 -8.51 -2.29 16.76
C THR B 155 -9.78 -1.59 16.22
N ARG B 156 -9.59 -0.40 15.70
CA ARG B 156 -10.63 0.24 14.90
C ARG B 156 -10.22 0.28 13.46
N SER B 157 -11.18 -0.03 12.58
CA SER B 157 -10.99 0.16 11.19
C SER B 157 -11.57 1.53 10.82
N GLU B 158 -10.73 2.58 10.92
CA GLU B 158 -11.17 3.93 10.69
C GLU B 158 -11.08 4.20 9.20
N PRO B 159 -11.77 5.20 8.71
CA PRO B 159 -11.51 5.65 7.38
C PRO B 159 -10.16 6.20 7.33
N VAL B 160 -9.55 6.20 6.15
CA VAL B 160 -8.25 6.78 5.95
C VAL B 160 -8.25 8.29 6.08
N GLY B 161 -9.26 8.93 5.50
CA GLY B 161 -9.48 10.38 5.54
C GLY B 161 -9.85 10.91 4.18
N VAL B 162 -9.08 11.90 3.75
CA VAL B 162 -9.36 12.59 2.52
C VAL B 162 -8.69 11.81 1.41
N CYS B 163 -9.48 11.25 0.50
CA CYS B 163 -8.93 10.50 -0.62
C CYS B 163 -9.10 11.20 -1.95
N GLY B 164 -7.99 11.48 -2.62
CA GLY B 164 -8.05 11.96 -4.00
C GLY B 164 -8.17 10.83 -4.99
N GLN B 165 -9.06 10.96 -5.97
CA GLN B 165 -9.38 9.82 -6.80
C GLN B 165 -9.40 10.26 -8.19
N ILE B 166 -8.50 9.71 -8.97
CA ILE B 166 -8.24 10.23 -10.36
C ILE B 166 -8.54 9.11 -11.30
N ILE B 167 -9.37 9.40 -12.31
CA ILE B 167 -9.96 8.36 -13.13
C ILE B 167 -9.91 8.62 -14.65
N PRO B 168 -10.05 7.52 -15.43
CA PRO B 168 -9.88 7.61 -16.86
C PRO B 168 -11.20 7.72 -17.65
N TRP B 169 -11.06 7.70 -18.97
CA TRP B 169 -12.13 8.02 -19.94
C TRP B 169 -12.86 6.80 -20.52
N ASN B 170 -12.38 5.59 -20.24
CA ASN B 170 -12.93 4.43 -20.85
C ASN B 170 -14.20 3.90 -20.27
N PHE B 171 -14.36 3.92 -18.94
CA PHE B 171 -15.64 3.62 -18.29
C PHE B 171 -15.84 4.73 -17.29
N PRO B 172 -16.18 5.94 -17.77
CA PRO B 172 -16.11 7.07 -16.88
C PRO B 172 -17.01 7.00 -15.68
N LEU B 173 -18.27 6.66 -15.87
CA LEU B 173 -19.19 6.66 -14.75
C LEU B 173 -18.95 5.43 -13.89
N LEU B 174 -18.71 4.31 -14.51
CA LEU B 174 -18.49 3.12 -13.71
C LEU B 174 -17.19 3.29 -12.83
N MET B 175 -16.13 3.81 -13.41
N MET B 175 -16.14 3.86 -13.41
CA MET B 175 -14.92 4.10 -12.62
CA MET B 175 -14.90 4.10 -12.67
C MET B 175 -15.21 5.07 -11.48
C MET B 175 -15.04 5.19 -11.59
N PHE B 176 -15.96 6.12 -11.80
CA PHE B 176 -16.40 7.09 -10.78
C PHE B 176 -17.02 6.38 -9.58
N LEU B 177 -17.96 5.45 -9.83
CA LEU B 177 -18.62 4.71 -8.75
C LEU B 177 -17.73 3.64 -8.08
N TRP B 178 -16.83 3.06 -8.86
CA TRP B 178 -15.84 2.12 -8.31
C TRP B 178 -14.97 2.83 -7.28
N LYS B 179 -14.73 4.12 -7.48
CA LYS B 179 -13.93 4.89 -6.53
C LYS B 179 -14.76 5.39 -5.38
N ILE B 180 -15.87 6.05 -5.68
CA ILE B 180 -16.56 6.65 -4.54
C ILE B 180 -17.32 5.66 -3.67
N GLY B 181 -17.79 4.59 -4.25
CA GLY B 181 -18.62 3.63 -3.49
C GLY B 181 -17.92 3.06 -2.26
N PRO B 182 -16.79 2.41 -2.44
CA PRO B 182 -16.03 1.83 -1.33
C PRO B 182 -15.50 2.89 -0.35
N ALA B 183 -15.00 3.99 -0.91
CA ALA B 183 -14.53 5.11 -0.08
C ALA B 183 -15.58 5.63 0.89
N LEU B 184 -16.79 5.89 0.37
CA LEU B 184 -17.87 6.38 1.22
C LEU B 184 -18.39 5.30 2.12
N SER B 185 -18.41 4.07 1.64
CA SER B 185 -18.85 2.96 2.48
C SER B 185 -18.08 2.93 3.79
N CYS B 186 -16.78 3.13 3.69
CA CYS B 186 -15.84 3.08 4.80
C CYS B 186 -15.74 4.42 5.55
N GLY B 187 -16.50 5.43 5.14
CA GLY B 187 -16.55 6.69 5.88
C GLY B 187 -15.56 7.80 5.52
N ASN B 188 -14.90 7.63 4.39
CA ASN B 188 -13.97 8.61 3.91
C ASN B 188 -14.68 9.81 3.22
N THR B 189 -13.92 10.86 2.90
CA THR B 189 -14.38 11.93 2.05
C THR B 189 -13.44 11.91 0.86
N VAL B 190 -13.90 12.45 -0.25
CA VAL B 190 -13.18 12.37 -1.51
C VAL B 190 -13.16 13.66 -2.36
N VAL B 191 -12.09 13.69 -3.15
CA VAL B 191 -11.90 14.67 -4.19
C VAL B 191 -11.67 13.92 -5.45
N VAL B 192 -12.65 13.97 -6.37
CA VAL B 192 -12.60 13.19 -7.61
C VAL B 192 -12.17 14.03 -8.79
N LYS B 193 -11.31 13.49 -9.62
CA LYS B 193 -10.81 14.19 -10.79
C LYS B 193 -11.09 13.33 -12.04
N PRO B 194 -12.22 13.59 -12.71
CA PRO B 194 -12.60 12.83 -13.88
C PRO B 194 -11.64 13.17 -15.04
N ALA B 195 -11.58 12.31 -16.03
CA ALA B 195 -10.77 12.54 -17.20
C ALA B 195 -11.30 13.74 -17.91
N GLU B 196 -10.38 14.50 -18.52
CA GLU B 196 -10.73 15.69 -19.26
C GLU B 196 -11.57 15.33 -20.47
N GLN B 197 -11.44 14.13 -20.99
CA GLN B 197 -12.25 13.77 -22.13
C GLN B 197 -13.71 13.53 -21.75
N THR B 198 -13.96 13.04 -20.54
CA THR B 198 -15.25 12.52 -20.10
C THR B 198 -15.69 12.98 -18.72
N PRO B 199 -15.85 14.29 -18.49
CA PRO B 199 -16.32 14.72 -17.15
C PRO B 199 -17.83 14.62 -16.98
N LEU B 200 -18.60 14.45 -18.04
CA LEU B 200 -20.02 14.84 -17.89
C LEU B 200 -20.90 13.97 -16.98
N THR B 201 -20.78 12.66 -17.06
CA THR B 201 -21.63 11.82 -16.21
C THR B 201 -21.25 11.99 -14.75
N ALA B 202 -19.96 12.19 -14.47
CA ALA B 202 -19.51 12.48 -13.11
C ALA B 202 -20.11 13.75 -12.54
N LEU B 203 -20.16 14.81 -13.35
CA LEU B 203 -20.82 16.03 -12.92
C LEU B 203 -22.31 15.82 -12.69
N HIS B 204 -22.99 15.05 -13.54
CA HIS B 204 -24.40 14.70 -13.24
C HIS B 204 -24.49 14.00 -11.92
N MET B 205 -23.53 13.12 -11.64
CA MET B 205 -23.52 12.45 -10.35
C MET B 205 -23.44 13.42 -9.16
N GLY B 206 -22.74 14.54 -9.28
CA GLY B 206 -22.81 15.47 -8.20
C GLY B 206 -24.21 15.87 -7.77
N SER B 207 -25.08 16.06 -8.74
CA SER B 207 -26.45 16.48 -8.45
C SER B 207 -27.20 15.41 -7.67
N LEU B 208 -26.89 14.17 -7.98
CA LEU B 208 -27.54 13.04 -7.35
C LEU B 208 -26.97 12.78 -5.97
N ILE B 209 -25.67 13.06 -5.79
CA ILE B 209 -25.09 13.01 -4.47
C ILE B 209 -25.73 14.03 -3.55
N LYS B 210 -25.95 15.24 -4.06
CA LYS B 210 -26.66 16.21 -3.26
C LYS B 210 -28.10 15.80 -2.96
N GLU B 211 -28.80 15.34 -3.96
CA GLU B 211 -30.19 14.94 -3.83
C GLU B 211 -30.36 13.78 -2.87
N ALA B 212 -29.41 12.81 -2.88
CA ALA B 212 -29.47 11.69 -1.98
C ALA B 212 -29.32 12.07 -0.54
N GLY B 213 -28.71 13.22 -0.27
CA GLY B 213 -28.58 13.75 1.07
C GLY B 213 -27.22 13.61 1.71
N PHE B 214 -26.15 13.36 0.96
CA PHE B 214 -24.84 13.24 1.58
C PHE B 214 -24.44 14.59 2.14
N PRO B 215 -23.75 14.60 3.26
CA PRO B 215 -23.29 15.90 3.76
C PRO B 215 -22.34 16.65 2.82
N PRO B 216 -22.42 18.00 2.80
CA PRO B 216 -21.49 18.72 1.96
C PRO B 216 -20.05 18.42 2.29
N GLY B 217 -19.25 18.34 1.28
CA GLY B 217 -17.84 18.10 1.42
C GLY B 217 -17.51 16.64 1.39
N VAL B 218 -18.51 15.76 1.46
CA VAL B 218 -18.19 14.27 1.45
C VAL B 218 -17.70 13.84 0.08
N VAL B 219 -18.36 14.28 -1.00
CA VAL B 219 -17.80 14.16 -2.37
C VAL B 219 -17.62 15.52 -3.02
N ASN B 220 -16.42 15.73 -3.55
CA ASN B 220 -16.09 16.95 -4.33
C ASN B 220 -15.56 16.49 -5.64
N ILE B 221 -15.92 17.16 -6.71
CA ILE B 221 -15.50 16.79 -8.04
C ILE B 221 -14.90 18.00 -8.75
N VAL B 222 -13.69 17.80 -9.28
CA VAL B 222 -12.91 18.84 -9.91
C VAL B 222 -12.53 18.38 -11.31
N PRO B 223 -13.37 18.70 -12.32
CA PRO B 223 -13.02 18.43 -13.68
C PRO B 223 -11.85 19.29 -14.10
N GLY B 224 -11.11 18.88 -15.12
CA GLY B 224 -9.84 19.52 -15.47
C GLY B 224 -8.80 18.55 -16.01
N TYR B 225 -7.60 19.07 -16.30
CA TYR B 225 -6.58 18.25 -16.91
C TYR B 225 -5.71 17.51 -15.88
N GLY B 226 -4.86 16.64 -16.38
CA GLY B 226 -4.04 15.76 -15.55
C GLY B 226 -2.88 16.46 -14.86
N PRO B 227 -1.97 17.04 -15.63
CA PRO B 227 -0.79 17.68 -15.00
C PRO B 227 -1.08 18.93 -14.19
N THR B 228 -2.33 19.38 -14.27
CA THR B 228 -2.79 20.51 -13.48
C THR B 228 -3.56 20.06 -12.24
N ALA B 229 -4.81 19.66 -12.42
CA ALA B 229 -5.64 19.24 -11.32
C ALA B 229 -5.25 17.88 -10.73
N GLY B 230 -5.01 16.91 -11.61
CA GLY B 230 -4.55 15.58 -11.15
C GLY B 230 -3.31 15.69 -10.28
N ALA B 231 -2.31 16.38 -10.81
CA ALA B 231 -1.00 16.56 -10.11
C ALA B 231 -1.14 17.34 -8.83
N ALA B 232 -2.13 18.25 -8.76
CA ALA B 232 -2.33 19.01 -7.53
C ALA B 232 -2.87 18.10 -6.44
N ILE B 233 -3.61 17.08 -6.83
CA ILE B 233 -4.10 16.05 -5.91
C ILE B 233 -2.96 15.14 -5.42
N SER B 234 -2.21 14.61 -6.35
CA SER B 234 -1.15 13.70 -5.99
C SER B 234 -0.02 14.34 -5.13
N SER B 235 0.23 15.63 -5.33
N SER B 235 0.25 15.63 -5.28
CA SER B 235 1.24 16.39 -4.55
CA SER B 235 1.27 16.27 -4.42
C SER B 235 0.69 17.02 -3.27
C SER B 235 0.68 17.06 -3.28
N HIS B 236 -0.61 16.91 -3.01
CA HIS B 236 -1.27 17.75 -2.00
C HIS B 236 -0.87 17.32 -0.60
N MET B 237 -0.59 18.28 0.29
CA MET B 237 -0.01 17.95 1.59
C MET B 237 -1.07 17.59 2.57
N ASP B 238 -2.35 17.72 2.19
CA ASP B 238 -3.44 17.36 3.07
C ASP B 238 -4.42 16.30 2.51
N VAL B 239 -3.99 15.59 1.47
CA VAL B 239 -4.72 14.43 0.95
C VAL B 239 -4.09 13.18 1.57
N ASP B 240 -4.88 12.32 2.20
CA ASP B 240 -4.34 11.18 2.94
C ASP B 240 -4.07 9.96 2.07
N LYS B 241 -4.71 9.91 0.91
CA LYS B 241 -4.59 8.79 -0.01
C LYS B 241 -4.99 9.20 -1.43
N VAL B 242 -4.25 8.74 -2.43
CA VAL B 242 -4.60 8.92 -3.79
C VAL B 242 -4.89 7.54 -4.39
N ALA B 243 -5.98 7.46 -5.17
CA ALA B 243 -6.32 6.26 -5.91
C ALA B 243 -6.43 6.64 -7.33
N PHE B 244 -5.76 5.89 -8.19
CA PHE B 244 -5.61 6.23 -9.60
C PHE B 244 -5.89 5.04 -10.49
N THR B 245 -6.69 5.27 -11.54
CA THR B 245 -6.77 4.30 -12.62
C THR B 245 -6.40 4.98 -13.93
N GLY B 246 -5.51 4.37 -14.69
CA GLY B 246 -5.00 5.05 -15.88
C GLY B 246 -3.76 4.40 -16.43
N SER B 247 -2.93 5.21 -17.07
CA SER B 247 -1.69 4.69 -17.67
C SER B 247 -0.60 4.44 -16.66
N THR B 248 0.31 3.53 -17.03
CA THR B 248 1.45 3.17 -16.21
C THR B 248 2.30 4.32 -16.03
N GLU B 249 2.51 5.06 -17.10
CA GLU B 249 3.36 6.21 -17.03
C GLU B 249 2.94 7.18 -15.95
N VAL B 250 1.64 7.47 -15.87
CA VAL B 250 1.17 8.44 -14.94
C VAL B 250 1.11 7.83 -13.57
N GLY B 251 0.82 6.53 -13.48
CA GLY B 251 0.88 5.90 -12.17
C GLY B 251 2.22 6.11 -11.48
N LYS B 252 3.31 6.03 -12.28
CA LYS B 252 4.63 6.27 -11.74
C LYS B 252 4.77 7.65 -11.20
N LEU B 253 4.25 8.66 -11.93
CA LEU B 253 4.26 10.03 -11.48
C LEU B 253 3.50 10.23 -10.17
N ILE B 254 2.38 9.55 -10.06
CA ILE B 254 1.55 9.70 -8.84
C ILE B 254 2.29 9.14 -7.64
N LYS B 255 2.86 7.95 -7.79
CA LYS B 255 3.57 7.33 -6.70
C LYS B 255 4.78 8.15 -6.30
N GLU B 256 5.48 8.70 -7.28
CA GLU B 256 6.60 9.58 -7.01
CA GLU B 256 6.61 9.55 -6.97
C GLU B 256 6.11 10.81 -6.29
N ALA B 257 4.97 11.36 -6.73
CA ALA B 257 4.49 12.60 -6.11
C ALA B 257 4.10 12.40 -4.66
N ALA B 258 3.50 11.25 -4.39
CA ALA B 258 3.13 10.88 -3.03
C ALA B 258 4.35 10.78 -2.14
N GLY B 259 5.42 10.15 -2.65
CA GLY B 259 6.65 10.05 -1.87
C GLY B 259 7.29 11.41 -1.57
N LYS B 260 7.29 12.32 -2.54
CA LYS B 260 7.88 13.60 -2.35
C LYS B 260 7.09 14.54 -1.46
N SER B 261 5.80 14.30 -1.31
CA SER B 261 4.98 15.27 -0.66
C SER B 261 4.68 14.93 0.79
N ASN B 262 3.69 14.10 1.04
CA ASN B 262 3.31 13.77 2.42
C ASN B 262 3.14 12.25 2.71
N LEU B 263 3.75 11.41 1.89
CA LEU B 263 3.68 9.93 2.02
C LEU B 263 2.27 9.42 2.01
N LYS B 264 1.36 10.15 1.33
CA LYS B 264 0.01 9.64 1.12
C LYS B 264 0.00 8.18 0.67
N ARG B 265 -0.96 7.43 1.19
CA ARG B 265 -1.23 6.09 0.73
C ARG B 265 -1.63 6.11 -0.77
N VAL B 266 -1.17 5.09 -1.51
CA VAL B 266 -1.31 5.05 -2.97
C VAL B 266 -1.92 3.72 -3.44
N SER B 267 -3.00 3.74 -4.19
CA SER B 267 -3.41 2.58 -4.89
C SER B 267 -3.58 2.93 -6.38
N LEU B 268 -3.22 1.98 -7.20
CA LEU B 268 -3.08 2.16 -8.65
C LEU B 268 -3.68 0.96 -9.39
N GLU B 269 -4.41 1.24 -10.46
CA GLU B 269 -4.75 0.19 -11.46
C GLU B 269 -4.39 0.73 -12.83
N LEU B 270 -3.47 0.01 -13.46
CA LEU B 270 -2.70 0.59 -14.54
C LEU B 270 -2.78 -0.11 -15.89
N GLY B 271 -3.82 -0.84 -16.16
CA GLY B 271 -3.71 -1.44 -17.52
C GLY B 271 -2.79 -2.66 -17.61
N GLY B 272 -2.66 -3.18 -18.81
CA GLY B 272 -2.20 -4.53 -18.96
C GLY B 272 -1.79 -4.96 -20.37
N LYS B 273 -1.28 -6.19 -20.43
CA LYS B 273 -1.00 -6.88 -21.68
C LYS B 273 -1.35 -8.36 -21.45
N SER B 274 -2.63 -8.55 -21.20
CA SER B 274 -3.15 -9.75 -20.58
C SER B 274 -3.12 -10.94 -21.58
N PRO B 275 -2.57 -12.09 -21.15
CA PRO B 275 -2.54 -13.26 -21.97
C PRO B 275 -3.76 -14.11 -21.82
N CYS B 276 -4.17 -14.67 -22.94
CA CYS B 276 -5.26 -15.58 -22.98
C CYS B 276 -4.76 -16.87 -23.66
N ILE B 277 -4.70 -17.96 -22.90
CA ILE B 277 -4.07 -19.24 -23.30
C ILE B 277 -5.15 -20.28 -23.57
N VAL B 278 -5.16 -20.78 -24.82
CA VAL B 278 -6.12 -21.71 -25.28
C VAL B 278 -5.38 -22.99 -25.59
N PHE B 279 -5.65 -23.97 -24.76
CA PHE B 279 -5.14 -25.28 -24.92
C PHE B 279 -5.95 -26.08 -25.91
N ALA B 280 -5.31 -27.10 -26.42
CA ALA B 280 -5.91 -27.90 -27.51
C ALA B 280 -7.14 -28.67 -27.06
N ASP B 281 -7.27 -28.90 -25.75
CA ASP B 281 -8.43 -29.61 -25.21
C ASP B 281 -9.58 -28.68 -24.89
N ALA B 282 -9.48 -27.42 -25.29
CA ALA B 282 -10.55 -26.47 -24.94
C ALA B 282 -11.76 -26.63 -25.83
N ASP B 283 -12.93 -26.25 -25.30
CA ASP B 283 -14.09 -26.00 -26.18
C ASP B 283 -13.83 -24.80 -27.12
N LEU B 284 -13.72 -25.06 -28.43
CA LEU B 284 -13.30 -24.02 -29.34
C LEU B 284 -14.28 -22.86 -29.56
N ASP B 285 -15.58 -23.16 -29.74
CA ASP B 285 -16.63 -22.17 -29.93
C ASP B 285 -16.62 -21.15 -28.76
N ASN B 286 -16.62 -21.68 -27.54
CA ASN B 286 -16.53 -20.90 -26.32
C ASN B 286 -15.27 -19.98 -26.25
N ALA B 287 -14.11 -20.57 -26.54
CA ALA B 287 -12.86 -19.85 -26.49
C ALA B 287 -12.75 -18.77 -27.56
N VAL B 288 -13.19 -19.07 -28.76
CA VAL B 288 -13.13 -18.04 -29.79
C VAL B 288 -13.94 -16.80 -29.41
N GLU B 289 -15.17 -17.00 -28.97
CA GLU B 289 -16.02 -15.87 -28.64
C GLU B 289 -15.51 -15.07 -27.42
N PHE B 290 -15.08 -15.76 -26.36
CA PHE B 290 -14.61 -15.04 -25.18
C PHE B 290 -13.32 -14.33 -25.52
N ALA B 291 -12.39 -14.99 -26.21
CA ALA B 291 -11.14 -14.31 -26.56
C ALA B 291 -11.41 -13.10 -27.45
N HIS B 292 -12.35 -13.25 -28.39
CA HIS B 292 -12.69 -12.17 -29.28
C HIS B 292 -13.30 -10.95 -28.48
N GLN B 293 -14.36 -11.19 -27.73
CA GLN B 293 -14.95 -10.09 -26.93
C GLN B 293 -13.88 -9.54 -25.96
N GLY B 294 -12.98 -10.44 -25.49
CA GLY B 294 -11.94 -10.07 -24.53
C GLY B 294 -10.96 -9.05 -25.02
N VAL B 295 -10.73 -8.96 -26.32
CA VAL B 295 -9.82 -7.95 -26.85
C VAL B 295 -10.56 -6.78 -27.53
N PHE B 296 -11.72 -7.05 -28.12
CA PHE B 296 -12.42 -6.07 -28.93
C PHE B 296 -13.42 -5.20 -28.19
N TYR B 297 -13.82 -5.58 -26.98
CA TYR B 297 -14.84 -4.86 -26.28
C TYR B 297 -14.48 -3.34 -26.12
N HIS B 298 -15.51 -2.52 -26.36
CA HIS B 298 -15.40 -1.05 -26.26
C HIS B 298 -14.23 -0.53 -27.10
N GLN B 299 -14.21 -0.95 -28.39
CA GLN B 299 -13.14 -0.59 -29.33
C GLN B 299 -11.74 -0.86 -28.78
N GLY B 300 -11.62 -2.02 -28.10
CA GLY B 300 -10.35 -2.42 -27.50
C GLY B 300 -9.86 -1.59 -26.30
N GLN B 301 -10.72 -0.76 -25.72
CA GLN B 301 -10.30 0.21 -24.72
C GLN B 301 -10.55 -0.36 -23.27
N CYS B 302 -10.29 -1.65 -23.05
CA CYS B 302 -10.40 -2.28 -21.70
C CYS B 302 -9.00 -2.57 -21.20
N CYS B 303 -8.74 -2.17 -19.94
CA CYS B 303 -7.51 -2.47 -19.25
C CYS B 303 -7.18 -3.97 -19.32
N ILE B 304 -8.20 -4.82 -19.19
CA ILE B 304 -8.00 -6.26 -19.17
C ILE B 304 -7.96 -6.92 -20.57
N ALA B 305 -7.92 -6.17 -21.64
CA ALA B 305 -8.01 -6.77 -22.98
C ALA B 305 -7.05 -7.94 -23.19
N ALA B 306 -7.59 -9.03 -23.73
CA ALA B 306 -6.89 -10.26 -24.00
C ALA B 306 -6.03 -10.08 -25.25
N SER B 307 -4.95 -9.31 -25.08
CA SER B 307 -4.18 -8.80 -26.20
C SER B 307 -2.92 -9.60 -26.58
N ARG B 308 -2.69 -10.71 -25.89
CA ARG B 308 -1.76 -11.75 -26.36
C ARG B 308 -2.51 -13.04 -26.29
N LEU B 309 -2.95 -13.51 -27.42
CA LEU B 309 -3.74 -14.72 -27.49
C LEU B 309 -2.83 -15.89 -27.87
N PHE B 310 -2.49 -16.76 -26.91
CA PHE B 310 -1.64 -17.90 -27.16
C PHE B 310 -2.47 -19.14 -27.42
N VAL B 311 -2.30 -19.75 -28.60
CA VAL B 311 -3.12 -20.86 -29.01
C VAL B 311 -2.21 -22.08 -29.33
N GLU B 312 -2.59 -23.22 -28.80
CA GLU B 312 -1.71 -24.39 -28.89
C GLU B 312 -1.63 -24.77 -30.41
N GLU B 313 -0.45 -25.17 -30.87
CA GLU B 313 -0.18 -25.36 -32.32
C GLU B 313 -1.18 -26.24 -33.03
N SER B 314 -1.61 -27.34 -32.42
CA SER B 314 -2.49 -28.29 -33.08
C SER B 314 -3.85 -27.66 -33.43
N ILE B 315 -4.31 -26.61 -32.69
CA ILE B 315 -5.49 -25.89 -33.08
C ILE B 315 -5.30 -24.45 -33.60
N TYR B 316 -4.07 -24.02 -33.76
CA TYR B 316 -3.82 -22.63 -34.05
C TYR B 316 -4.42 -22.15 -35.34
N ASP B 317 -4.20 -22.87 -36.44
CA ASP B 317 -4.78 -22.38 -37.72
C ASP B 317 -6.31 -22.24 -37.72
N GLU B 318 -7.00 -23.25 -37.24
N GLU B 318 -7.01 -23.24 -37.23
CA GLU B 318 -8.44 -23.20 -37.09
CA GLU B 318 -8.44 -23.16 -37.07
C GLU B 318 -8.86 -21.97 -36.21
C GLU B 318 -8.85 -21.98 -36.20
N PHE B 319 -8.15 -21.78 -35.10
CA PHE B 319 -8.48 -20.71 -34.21
C PHE B 319 -8.27 -19.36 -34.91
N VAL B 320 -7.17 -19.23 -35.62
CA VAL B 320 -6.96 -18.02 -36.40
C VAL B 320 -8.09 -17.77 -37.40
N ARG B 321 -8.46 -18.83 -38.14
N ARG B 321 -8.48 -18.78 -38.18
CA ARG B 321 -9.46 -18.69 -39.19
CA ARG B 321 -9.48 -18.52 -39.21
C ARG B 321 -10.77 -18.20 -38.56
C ARG B 321 -10.85 -18.21 -38.59
N ARG B 322 -11.16 -18.83 -37.46
CA ARG B 322 -12.41 -18.52 -36.82
C ARG B 322 -12.42 -17.12 -36.19
N SER B 323 -11.27 -16.70 -35.69
CA SER B 323 -11.14 -15.36 -35.09
C SER B 323 -11.28 -14.26 -36.15
N VAL B 324 -10.65 -14.51 -37.29
CA VAL B 324 -10.71 -13.61 -38.43
C VAL B 324 -12.15 -13.45 -38.95
N GLU B 325 -12.84 -14.55 -39.18
CA GLU B 325 -14.27 -14.50 -39.54
C GLU B 325 -15.14 -13.71 -38.52
N ARG B 326 -14.83 -13.86 -37.24
CA ARG B 326 -15.60 -13.23 -36.18
C ARG B 326 -15.36 -11.72 -36.20
N ALA B 327 -14.14 -11.35 -36.50
CA ALA B 327 -13.70 -9.95 -36.53
C ALA B 327 -14.26 -9.15 -37.68
N LYS B 328 -14.76 -9.83 -38.69
CA LYS B 328 -15.44 -9.17 -39.81
C LYS B 328 -16.91 -8.86 -39.61
N LYS B 329 -17.53 -9.20 -38.49
CA LYS B 329 -18.95 -8.97 -38.31
C LYS B 329 -19.32 -7.65 -37.57
N TYR B 330 -18.67 -6.58 -37.95
CA TYR B 330 -18.94 -5.28 -37.32
C TYR B 330 -19.47 -4.25 -38.33
N VAL B 331 -20.32 -3.37 -37.85
CA VAL B 331 -20.76 -2.18 -38.57
C VAL B 331 -20.25 -0.98 -37.74
N LEU B 332 -19.36 -0.21 -38.32
CA LEU B 332 -18.82 0.98 -37.67
C LEU B 332 -19.80 2.15 -37.84
N GLY B 333 -19.82 3.10 -36.92
CA GLY B 333 -20.69 4.27 -37.02
C GLY B 333 -20.85 4.93 -35.68
N ASN B 334 -21.83 5.82 -35.63
CA ASN B 334 -22.24 6.50 -34.44
C ASN B 334 -22.88 5.52 -33.44
N PRO B 335 -22.37 5.47 -32.20
CA PRO B 335 -22.77 4.43 -31.28
C PRO B 335 -24.15 4.66 -30.71
N LEU B 336 -24.78 5.78 -31.03
CA LEU B 336 -26.21 5.93 -30.76
C LEU B 336 -27.13 5.40 -31.89
N THR B 337 -26.60 5.06 -33.05
CA THR B 337 -27.44 4.67 -34.21
C THR B 337 -27.77 3.17 -34.17
N PRO B 338 -29.06 2.76 -34.25
CA PRO B 338 -29.40 1.33 -34.20
C PRO B 338 -28.63 0.59 -35.27
N GLY B 339 -28.13 -0.60 -34.96
CA GLY B 339 -27.36 -1.42 -35.92
C GLY B 339 -25.86 -1.14 -35.96
N VAL B 340 -25.39 -0.02 -35.41
CA VAL B 340 -23.93 0.16 -35.33
C VAL B 340 -23.39 -0.82 -34.27
N SER B 341 -22.31 -1.54 -34.51
CA SER B 341 -21.78 -2.45 -33.46
C SER B 341 -20.32 -2.11 -33.09
N GLN B 342 -19.77 -1.04 -33.68
CA GLN B 342 -18.49 -0.53 -33.21
C GLN B 342 -18.43 1.00 -33.30
N GLY B 343 -18.16 1.66 -32.18
CA GLY B 343 -17.97 3.12 -32.15
C GLY B 343 -16.53 3.52 -32.41
N PRO B 344 -16.20 4.78 -32.19
CA PRO B 344 -14.87 5.28 -32.42
C PRO B 344 -14.01 5.09 -31.17
N GLN B 345 -12.75 5.39 -31.38
CA GLN B 345 -11.79 5.55 -30.31
C GLN B 345 -12.05 6.91 -29.69
N ILE B 346 -11.53 7.09 -28.47
CA ILE B 346 -11.92 8.21 -27.67
C ILE B 346 -11.49 9.54 -28.24
N ASP B 347 -10.29 9.59 -28.77
CA ASP B 347 -9.73 10.85 -29.23
C ASP B 347 -8.60 10.61 -30.21
N LYS B 348 -8.06 11.73 -30.71
CA LYS B 348 -7.03 11.74 -31.73
C LYS B 348 -5.76 11.08 -31.23
N GLU B 349 -5.38 11.36 -29.98
CA GLU B 349 -4.10 10.88 -29.51
C GLU B 349 -4.15 9.35 -29.45
N GLN B 350 -5.25 8.78 -28.92
CA GLN B 350 -5.41 7.32 -28.86
C GLN B 350 -5.46 6.75 -30.25
N TYR B 351 -6.23 7.39 -31.13
CA TYR B 351 -6.37 6.97 -32.53
C TYR B 351 -5.01 6.85 -33.18
N GLU B 352 -4.17 7.84 -32.96
CA GLU B 352 -2.87 7.83 -33.57
C GLU B 352 -1.91 6.85 -32.92
N LYS B 353 -2.00 6.70 -31.62
CA LYS B 353 -1.21 5.65 -30.96
C LYS B 353 -1.51 4.25 -31.55
N ILE B 354 -2.78 3.95 -31.77
CA ILE B 354 -3.21 2.65 -32.32
C ILE B 354 -2.71 2.42 -33.75
N LEU B 355 -2.89 3.42 -34.62
CA LEU B 355 -2.41 3.36 -36.00
C LEU B 355 -0.90 3.20 -36.04
N ASP B 356 -0.17 3.93 -35.20
CA ASP B 356 1.25 3.74 -35.13
C ASP B 356 1.57 2.28 -34.71
N LEU B 357 0.83 1.71 -33.77
CA LEU B 357 1.13 0.34 -33.38
C LEU B 357 0.75 -0.67 -34.48
N ILE B 358 -0.38 -0.46 -35.15
CA ILE B 358 -0.75 -1.31 -36.28
C ILE B 358 0.37 -1.32 -37.33
N GLU B 359 0.88 -0.13 -37.61
CA GLU B 359 1.97 0.05 -38.56
C GLU B 359 3.17 -0.77 -38.12
N SER B 360 3.54 -0.73 -36.83
CA SER B 360 4.70 -1.46 -36.37
C SER B 360 4.49 -2.98 -36.51
N GLY B 361 3.26 -3.47 -36.42
CA GLY B 361 3.05 -4.91 -36.62
C GLY B 361 3.36 -5.33 -38.08
N LYS B 362 2.82 -4.56 -39.02
CA LYS B 362 3.11 -4.73 -40.44
C LYS B 362 4.64 -4.70 -40.62
N LYS B 363 5.30 -3.66 -40.13
CA LYS B 363 6.75 -3.55 -40.32
C LYS B 363 7.54 -4.68 -39.67
N GLU B 364 7.12 -5.19 -38.53
CA GLU B 364 7.95 -6.15 -37.86
C GLU B 364 7.64 -7.58 -38.34
N GLY B 365 6.71 -7.75 -39.26
CA GLY B 365 6.54 -9.05 -39.89
C GLY B 365 5.33 -9.81 -39.40
N ALA B 366 4.47 -9.21 -38.58
CA ALA B 366 3.22 -9.91 -38.21
C ALA B 366 2.38 -10.12 -39.44
N LYS B 367 1.57 -11.16 -39.46
CA LYS B 367 0.70 -11.38 -40.59
C LYS B 367 -0.63 -10.65 -40.46
N LEU B 368 -0.86 -9.62 -41.28
CA LEU B 368 -2.14 -8.91 -41.23
C LEU B 368 -3.26 -9.76 -41.81
N GLU B 369 -4.19 -10.23 -40.98
CA GLU B 369 -5.30 -11.04 -41.42
C GLU B 369 -6.53 -10.25 -41.89
N CYS B 370 -6.80 -9.09 -41.29
CA CYS B 370 -7.92 -8.23 -41.67
C CYS B 370 -7.72 -6.90 -41.02
N GLY B 371 -8.46 -5.91 -41.50
CA GLY B 371 -8.41 -4.56 -40.98
C GLY B 371 -7.08 -3.93 -41.24
N GLY B 372 -6.54 -3.18 -40.30
CA GLY B 372 -5.23 -2.57 -40.53
C GLY B 372 -5.23 -1.09 -40.84
N GLY B 373 -6.36 -0.42 -40.90
CA GLY B 373 -6.31 1.05 -41.06
C GLY B 373 -7.59 1.73 -40.65
N PRO B 374 -7.69 3.07 -40.88
CA PRO B 374 -8.87 3.80 -40.44
C PRO B 374 -10.10 3.55 -41.25
N TRP B 375 -11.17 4.17 -40.84
CA TRP B 375 -12.42 4.13 -41.51
C TRP B 375 -13.13 5.45 -41.31
N GLY B 376 -13.93 5.82 -42.29
CA GLY B 376 -14.86 6.94 -42.23
C GLY B 376 -14.21 8.26 -42.50
N ASN B 377 -15.02 9.29 -42.61
CA ASN B 377 -14.45 10.63 -42.82
C ASN B 377 -14.71 11.54 -41.64
N LYS B 378 -15.26 11.00 -40.57
CA LYS B 378 -15.52 11.79 -39.37
C LYS B 378 -15.43 10.90 -38.13
N GLY B 379 -14.88 11.44 -37.05
CA GLY B 379 -14.72 10.65 -35.81
C GLY B 379 -13.55 9.66 -35.92
N TYR B 380 -13.10 9.13 -34.78
CA TYR B 380 -11.84 8.40 -34.73
C TYR B 380 -12.05 6.92 -34.83
N PHE B 381 -12.33 6.44 -36.04
CA PHE B 381 -12.64 5.04 -36.23
C PHE B 381 -11.51 4.24 -36.83
N ILE B 382 -11.32 3.02 -36.35
CA ILE B 382 -10.31 2.13 -36.85
C ILE B 382 -10.92 0.77 -37.17
N GLN B 383 -10.60 0.23 -38.30
CA GLN B 383 -11.07 -1.11 -38.64
C GLN B 383 -10.63 -2.16 -37.61
N PRO B 384 -11.48 -3.11 -37.27
CA PRO B 384 -11.05 -4.22 -36.45
C PRO B 384 -9.96 -4.99 -37.17
N THR B 385 -8.87 -5.20 -36.44
CA THR B 385 -7.67 -5.71 -36.96
C THR B 385 -7.24 -7.00 -36.20
N VAL B 386 -6.86 -8.00 -36.96
CA VAL B 386 -6.28 -9.22 -36.44
C VAL B 386 -4.93 -9.46 -37.11
N PHE B 387 -3.90 -9.60 -36.27
CA PHE B 387 -2.61 -10.09 -36.63
C PHE B 387 -2.36 -11.52 -36.13
N SER B 388 -1.78 -12.35 -36.98
CA SER B 388 -1.33 -13.66 -36.60
C SER B 388 0.17 -13.79 -36.77
N ASP B 389 0.71 -14.93 -36.39
CA ASP B 389 2.17 -15.17 -36.37
C ASP B 389 2.87 -14.06 -35.62
N VAL B 390 2.28 -13.64 -34.50
CA VAL B 390 2.89 -12.58 -33.71
C VAL B 390 3.96 -13.22 -32.87
N THR B 391 5.07 -12.53 -32.61
CA THR B 391 6.13 -13.08 -31.78
C THR B 391 6.39 -12.12 -30.61
N ASP B 392 7.02 -12.65 -29.58
CA ASP B 392 7.11 -11.99 -28.26
C ASP B 392 7.86 -10.65 -28.26
N ASP B 393 8.76 -10.50 -29.22
CA ASP B 393 9.62 -9.35 -29.29
C ASP B 393 8.94 -8.17 -30.01
N MET B 394 7.77 -8.39 -30.63
CA MET B 394 7.11 -7.33 -31.39
C MET B 394 6.48 -6.25 -30.51
N ARG B 395 6.55 -5.00 -30.95
CA ARG B 395 5.85 -3.92 -30.23
C ARG B 395 4.40 -4.29 -29.96
N ILE B 396 3.69 -4.85 -30.94
CA ILE B 396 2.28 -5.22 -30.70
C ILE B 396 2.06 -6.38 -29.70
N ALA B 397 3.11 -7.14 -29.40
CA ALA B 397 3.11 -8.13 -28.31
C ALA B 397 3.54 -7.58 -26.95
N LYS B 398 4.15 -6.40 -26.89
CA LYS B 398 4.70 -5.85 -25.64
C LYS B 398 3.90 -4.66 -25.11
N GLU B 399 3.39 -3.81 -26.01
CA GLU B 399 2.79 -2.58 -25.61
C GLU B 399 1.26 -2.65 -25.61
N GLU B 400 0.66 -2.04 -24.59
CA GLU B 400 -0.79 -1.88 -24.57
C GLU B 400 -1.26 -0.97 -25.70
N ILE B 401 -2.02 -1.54 -26.61
CA ILE B 401 -2.45 -0.85 -27.80
C ILE B 401 -3.69 -0.03 -27.51
N PHE B 402 -4.64 -0.60 -26.79
CA PHE B 402 -5.88 0.07 -26.41
C PHE B 402 -6.74 0.47 -27.63
N GLY B 403 -6.70 -0.37 -28.66
CA GLY B 403 -7.65 -0.26 -29.76
C GLY B 403 -8.05 -1.64 -30.20
N PRO B 404 -8.86 -1.73 -31.25
CA PRO B 404 -9.44 -3.05 -31.69
C PRO B 404 -8.43 -3.83 -32.54
N VAL B 405 -7.43 -4.38 -31.88
CA VAL B 405 -6.32 -5.04 -32.48
C VAL B 405 -5.97 -6.32 -31.69
N GLN B 406 -6.13 -7.48 -32.33
CA GLN B 406 -5.91 -8.79 -31.75
C GLN B 406 -4.62 -9.40 -32.25
N GLN B 407 -3.80 -9.80 -31.29
CA GLN B 407 -2.55 -10.54 -31.54
C GLN B 407 -2.75 -12.05 -31.26
N ILE B 408 -2.44 -12.90 -32.24
CA ILE B 408 -2.53 -14.38 -32.13
C ILE B 408 -1.16 -15.03 -32.29
N MET B 409 -0.73 -15.77 -31.28
CA MET B 409 0.58 -16.40 -31.30
C MET B 409 0.41 -17.87 -30.96
N LYS B 410 1.43 -18.68 -31.22
CA LYS B 410 1.23 -20.08 -30.95
C LYS B 410 2.20 -20.60 -29.92
N PHE B 411 1.89 -21.76 -29.36
CA PHE B 411 2.78 -22.37 -28.39
C PHE B 411 2.57 -23.87 -28.50
N LYS B 412 3.52 -24.63 -28.01
CA LYS B 412 3.42 -26.09 -28.00
C LYS B 412 3.77 -26.73 -26.67
N SER B 413 4.41 -25.99 -25.80
CA SER B 413 4.75 -26.50 -24.47
C SER B 413 4.15 -25.66 -23.32
N LEU B 414 3.66 -26.36 -22.33
CA LEU B 414 3.02 -25.77 -21.19
C LEU B 414 3.98 -24.88 -20.45
N ASP B 415 5.19 -25.35 -20.26
CA ASP B 415 6.14 -24.60 -19.50
C ASP B 415 6.52 -23.32 -20.21
N ASP B 416 6.70 -23.43 -21.52
CA ASP B 416 7.09 -22.31 -22.41
C ASP B 416 5.99 -21.22 -22.34
N VAL B 417 4.74 -21.65 -22.43
CA VAL B 417 3.67 -20.66 -22.58
C VAL B 417 3.45 -19.91 -21.28
N ILE B 418 3.60 -20.58 -20.15
CA ILE B 418 3.57 -19.90 -18.85
C ILE B 418 4.69 -18.83 -18.74
N LYS B 419 5.90 -19.23 -19.12
CA LYS B 419 7.05 -18.35 -19.02
C LYS B 419 6.85 -17.17 -19.96
N ARG B 420 6.38 -17.43 -21.17
CA ARG B 420 6.06 -16.33 -22.08
C ARG B 420 4.88 -15.43 -21.61
N ALA B 421 3.80 -16.02 -21.09
CA ALA B 421 2.73 -15.24 -20.51
C ALA B 421 3.22 -14.32 -19.43
N ASN B 422 4.09 -14.82 -18.56
CA ASN B 422 4.58 -14.09 -17.41
C ASN B 422 5.68 -13.06 -17.74
N ASN B 423 6.23 -13.14 -18.94
CA ASN B 423 7.35 -12.32 -19.27
C ASN B 423 6.87 -10.95 -19.76
N THR B 424 6.46 -10.10 -18.79
CA THR B 424 6.01 -8.77 -19.04
C THR B 424 6.07 -8.07 -17.68
N PHE B 425 6.12 -6.73 -17.68
CA PHE B 425 5.98 -5.96 -16.43
C PHE B 425 4.52 -5.74 -16.01
N TYR B 426 3.61 -6.05 -16.92
CA TYR B 426 2.19 -6.04 -16.61
C TYR B 426 1.77 -7.32 -15.89
N GLY B 427 0.65 -7.24 -15.18
CA GLY B 427 0.06 -8.42 -14.56
C GLY B 427 -1.39 -8.26 -14.17
N LEU B 428 -2.22 -7.69 -15.01
CA LEU B 428 -3.55 -7.34 -14.56
C LEU B 428 -4.50 -8.53 -14.54
N SER B 429 -4.51 -9.33 -15.63
CA SER B 429 -5.46 -10.44 -15.79
C SER B 429 -4.94 -11.42 -16.79
N ALA B 430 -5.54 -12.60 -16.87
CA ALA B 430 -5.16 -13.64 -17.83
C ALA B 430 -6.36 -14.54 -18.00
N GLY B 431 -6.43 -15.27 -19.12
CA GLY B 431 -7.40 -16.32 -19.27
C GLY B 431 -6.78 -17.61 -19.70
N ILE B 432 -7.43 -18.70 -19.31
CA ILE B 432 -6.98 -20.04 -19.66
C ILE B 432 -8.22 -20.79 -20.11
N PHE B 433 -8.12 -21.47 -21.27
CA PHE B 433 -9.18 -22.29 -21.81
C PHE B 433 -8.70 -23.72 -21.94
N THR B 434 -9.32 -24.61 -21.19
CA THR B 434 -8.92 -26.02 -21.12
C THR B 434 -10.07 -26.73 -20.44
N ASN B 435 -10.19 -28.02 -20.64
CA ASN B 435 -11.14 -28.80 -19.83
C ASN B 435 -10.45 -29.67 -18.78
N ASP B 436 -9.15 -29.53 -18.62
CA ASP B 436 -8.37 -30.37 -17.74
C ASP B 436 -8.31 -29.71 -16.33
N ILE B 437 -8.74 -30.44 -15.32
CA ILE B 437 -8.79 -29.94 -13.97
C ILE B 437 -7.43 -29.54 -13.48
N ASP B 438 -6.44 -30.39 -13.77
CA ASP B 438 -5.12 -30.14 -13.26
C ASP B 438 -4.53 -28.87 -13.87
N LYS B 439 -4.78 -28.67 -15.16
CA LYS B 439 -4.20 -27.52 -15.83
C LYS B 439 -4.87 -26.29 -15.33
N ALA B 440 -6.20 -26.37 -15.13
CA ALA B 440 -6.97 -25.19 -14.69
C ALA B 440 -6.41 -24.65 -13.36
N ILE B 441 -6.24 -25.55 -12.41
CA ILE B 441 -5.68 -25.11 -11.09
C ILE B 441 -4.21 -24.74 -11.11
N THR B 442 -3.38 -25.57 -11.73
CA THR B 442 -1.95 -25.33 -11.68
C THR B 442 -1.51 -24.16 -12.58
N VAL B 443 -2.13 -23.99 -13.74
CA VAL B 443 -1.69 -22.90 -14.59
C VAL B 443 -2.19 -21.59 -14.01
N SER B 444 -3.42 -21.58 -13.49
CA SER B 444 -3.93 -20.37 -12.84
C SER B 444 -3.02 -19.97 -11.63
N SER B 445 -2.47 -20.93 -10.95
CA SER B 445 -1.57 -20.64 -9.83
C SER B 445 -0.24 -20.03 -10.27
N ALA B 446 0.23 -20.45 -11.44
CA ALA B 446 1.53 -20.08 -11.94
C ALA B 446 1.55 -18.76 -12.70
N LEU B 447 0.41 -18.31 -13.17
CA LEU B 447 0.29 -17.02 -13.89
C LEU B 447 0.38 -15.81 -12.96
N GLN B 448 1.28 -14.89 -13.26
CA GLN B 448 1.48 -13.70 -12.44
C GLN B 448 0.49 -12.61 -12.84
N SER B 449 -0.78 -12.83 -12.52
CA SER B 449 -1.90 -11.94 -12.92
C SER B 449 -2.90 -11.85 -11.81
N GLY B 450 -3.45 -10.67 -11.60
CA GLY B 450 -4.42 -10.44 -10.54
C GLY B 450 -5.71 -11.17 -10.62
N THR B 451 -6.28 -11.28 -11.83
CA THR B 451 -7.50 -12.06 -12.04
C THR B 451 -7.19 -13.06 -13.13
N VAL B 452 -7.42 -14.34 -12.85
CA VAL B 452 -7.31 -15.35 -13.88
C VAL B 452 -8.68 -15.96 -14.18
N TRP B 453 -9.13 -15.88 -15.41
CA TRP B 453 -10.38 -16.47 -15.78
C TRP B 453 -10.11 -17.86 -16.41
N VAL B 454 -10.98 -18.83 -16.13
CA VAL B 454 -10.90 -20.17 -16.68
C VAL B 454 -12.17 -20.46 -17.45
N ASN B 455 -11.97 -20.70 -18.75
CA ASN B 455 -13.07 -20.96 -19.69
C ASN B 455 -14.08 -19.81 -19.85
N CYS B 456 -13.59 -18.62 -19.54
CA CYS B 456 -14.29 -17.39 -19.73
C CYS B 456 -13.23 -16.27 -19.80
N TYR B 457 -13.72 -15.06 -19.95
CA TYR B 457 -12.87 -13.89 -19.93
C TYR B 457 -13.78 -12.71 -19.62
N SER B 458 -13.20 -11.66 -19.06
CA SER B 458 -13.89 -10.37 -18.80
C SER B 458 -15.05 -10.46 -17.82
N VAL B 459 -14.98 -11.44 -16.92
CA VAL B 459 -15.99 -11.58 -15.90
C VAL B 459 -15.55 -10.80 -14.67
N VAL B 460 -16.16 -9.65 -14.52
CA VAL B 460 -15.81 -8.70 -13.43
C VAL B 460 -17.07 -8.46 -12.61
N SER B 461 -16.97 -8.60 -11.30
CA SER B 461 -18.15 -8.54 -10.45
C SER B 461 -17.77 -7.82 -9.12
N ALA B 462 -18.74 -7.17 -8.52
CA ALA B 462 -18.47 -6.31 -7.38
C ALA B 462 -17.96 -7.15 -6.20
N GLN B 463 -18.35 -8.42 -6.12
CA GLN B 463 -17.99 -9.24 -5.01
C GLN B 463 -16.51 -9.65 -5.08
N CYS B 464 -15.83 -9.45 -6.20
CA CYS B 464 -14.47 -9.91 -6.33
C CYS B 464 -13.46 -8.77 -6.25
N PRO B 465 -12.32 -9.01 -5.59
CA PRO B 465 -11.24 -8.06 -5.68
C PRO B 465 -10.61 -8.07 -7.07
N PHE B 466 -10.20 -6.88 -7.50
CA PHE B 466 -9.75 -6.64 -8.83
C PHE B 466 -8.53 -5.74 -8.76
N GLY B 467 -7.46 -6.14 -9.42
CA GLY B 467 -6.28 -5.31 -9.52
C GLY B 467 -5.07 -6.11 -10.03
N GLY B 468 -3.92 -5.43 -10.13
CA GLY B 468 -2.76 -6.00 -10.81
C GLY B 468 -1.66 -6.53 -9.91
N PHE B 469 -0.95 -7.52 -10.48
CA PHE B 469 0.42 -7.84 -10.08
C PHE B 469 1.32 -6.90 -10.78
N LYS B 470 2.52 -6.78 -10.24
CA LYS B 470 3.60 -6.06 -10.88
C LYS B 470 3.26 -4.63 -11.32
N MET B 471 3.59 -4.22 -12.54
CA MET B 471 3.30 -2.81 -12.92
C MET B 471 1.88 -2.54 -13.39
N SER B 472 0.97 -3.54 -13.28
CA SER B 472 -0.43 -3.32 -13.53
C SER B 472 -1.18 -2.75 -12.31
N GLY B 473 -0.51 -2.61 -11.17
CA GLY B 473 -1.14 -1.97 -10.04
C GLY B 473 -0.57 -2.22 -8.69
N ASN B 474 -1.17 -1.53 -7.73
CA ASN B 474 -0.90 -1.67 -6.27
C ASN B 474 -2.26 -1.79 -5.63
N GLY B 475 -2.52 -2.79 -4.86
CA GLY B 475 -3.79 -2.79 -4.14
C GLY B 475 -4.91 -3.46 -4.94
N ARG B 476 -6.03 -3.71 -4.28
CA ARG B 476 -7.19 -4.30 -4.93
C ARG B 476 -8.40 -3.37 -4.74
N GLU B 477 -9.31 -3.42 -5.69
CA GLU B 477 -10.56 -2.72 -5.58
C GLU B 477 -11.71 -3.68 -5.55
N LEU B 478 -12.70 -3.35 -4.73
CA LEU B 478 -13.96 -4.08 -4.61
C LEU B 478 -13.76 -5.38 -3.85
N GLY B 479 -14.81 -6.18 -3.75
CA GLY B 479 -14.80 -7.35 -2.88
C GLY B 479 -14.52 -6.97 -1.42
N GLU B 480 -14.38 -7.96 -0.57
CA GLU B 480 -14.00 -7.75 0.81
C GLU B 480 -12.67 -7.02 0.92
N TYR B 481 -11.73 -7.32 0.04
N TYR B 481 -11.73 -7.32 0.04
CA TYR B 481 -10.34 -6.91 0.19
CA TYR B 481 -10.33 -6.92 0.20
C TYR B 481 -10.16 -5.44 -0.13
C TYR B 481 -10.14 -5.45 -0.14
N GLY B 482 -10.87 -4.97 -1.14
CA GLY B 482 -10.87 -3.60 -1.54
C GLY B 482 -11.19 -2.63 -0.45
N PHE B 483 -12.17 -3.04 0.33
CA PHE B 483 -12.80 -2.21 1.35
C PHE B 483 -11.86 -2.00 2.47
N HIS B 484 -10.93 -2.93 2.64
CA HIS B 484 -10.03 -2.80 3.75
C HIS B 484 -8.92 -1.84 3.40
N GLU B 485 -8.59 -1.67 2.12
CA GLU B 485 -7.66 -0.52 1.70
C GLU B 485 -8.28 0.95 1.69
N TYR B 486 -9.54 1.07 2.09
CA TYR B 486 -10.10 2.39 2.35
C TYR B 486 -10.24 2.60 3.85
N THR B 487 -9.52 1.79 4.63
CA THR B 487 -9.43 1.97 6.08
C THR B 487 -7.98 2.10 6.58
N GLU B 488 -7.85 2.71 7.75
CA GLU B 488 -6.59 2.86 8.43
C GLU B 488 -6.79 2.24 9.82
N VAL B 489 -5.93 1.30 10.18
CA VAL B 489 -6.08 0.51 11.38
C VAL B 489 -5.43 1.21 12.57
N LYS B 490 -6.18 1.34 13.63
CA LYS B 490 -5.69 1.90 14.89
C LYS B 490 -5.81 0.86 15.97
N THR B 491 -4.74 0.61 16.69
CA THR B 491 -4.77 -0.29 17.80
C THR B 491 -4.89 0.46 19.12
N VAL B 492 -5.76 0.01 20.01
CA VAL B 492 -5.97 0.69 21.30
C VAL B 492 -5.69 -0.33 22.33
N THR B 493 -4.79 -0.04 23.27
CA THR B 493 -4.36 -1.02 24.23
C THR B 493 -4.49 -0.41 25.61
N ILE B 494 -5.31 -1.02 26.44
CA ILE B 494 -5.73 -0.48 27.71
C ILE B 494 -5.26 -1.35 28.83
N LYS B 495 -4.46 -0.76 29.72
CA LYS B 495 -4.01 -1.45 30.91
C LYS B 495 -5.21 -1.85 31.76
N ILE B 496 -5.22 -3.11 32.22
CA ILE B 496 -6.21 -3.55 33.16
C ILE B 496 -5.58 -4.30 34.33
N SER B 497 -6.32 -4.41 35.42
CA SER B 497 -5.79 -5.00 36.63
C SER B 497 -5.49 -6.49 36.42
N GLN B 498 -6.39 -7.22 35.75
CA GLN B 498 -6.11 -8.60 35.43
C GLN B 498 -6.96 -9.02 34.22
N LYS B 499 -6.27 -9.61 33.27
CA LYS B 499 -6.89 -10.17 32.07
C LYS B 499 -7.36 -11.58 32.33
N ASN B 500 -8.49 -11.91 31.71
CA ASN B 500 -8.98 -13.29 31.64
C ASN B 500 -9.38 -13.62 30.21
N SER B 501 -9.12 -14.86 29.79
CA SER B 501 -9.48 -15.34 28.48
C SER B 501 -10.97 -15.18 28.26
PA NAD C . 18.12 6.30 8.16
O1A NAD C . 16.65 6.42 7.71
O2A NAD C . 19.18 7.06 7.37
O5B NAD C . 18.64 4.74 7.99
C5B NAD C . 17.75 3.63 8.16
C4B NAD C . 18.15 2.51 7.27
O4B NAD C . 18.00 3.04 5.95
C3B NAD C . 19.64 2.02 7.35
O3B NAD C . 19.65 0.63 6.91
C2B NAD C . 20.34 2.88 6.32
O2B NAD C . 21.52 2.41 5.66
C1B NAD C . 19.21 2.95 5.25
N9A NAD C . 19.29 4.05 4.27
C8A NAD C . 19.93 5.24 4.48
N7A NAD C . 19.87 5.99 3.38
C5A NAD C . 19.20 5.28 2.44
C6A NAD C . 18.78 5.56 1.08
N6A NAD C . 19.15 6.75 0.53
N1A NAD C . 18.13 4.64 0.35
C2A NAD C . 17.84 3.46 0.97
N3A NAD C . 18.18 3.13 2.25
C4A NAD C . 18.84 4.01 3.02
O3 NAD C . 18.32 6.68 9.57
PN NAD C . 19.67 7.37 10.23
O1N NAD C . 20.34 8.41 9.36
O2N NAD C . 20.36 6.35 11.07
O5D NAD C . 18.88 8.23 11.43
C5D NAD C . 18.39 9.53 11.30
C4D NAD C . 17.12 9.77 12.11
O4D NAD C . 16.02 8.98 11.58
C3D NAD C . 17.22 9.46 13.60
O3D NAD C . 17.70 10.55 14.41
C2D NAD C . 15.76 9.22 13.87
O2D NAD C . 15.14 10.52 14.15
C1D NAD C . 15.14 8.50 12.62
N1N NAD C . 15.11 7.03 12.80
C2N NAD C . 13.97 6.42 13.03
C3N NAD C . 13.96 5.07 13.19
C7N NAD C . 12.74 4.28 13.51
O7N NAD C . 12.78 3.33 14.32
N7N NAD C . 11.66 4.59 12.99
C4N NAD C . 15.18 4.36 13.32
C5N NAD C . 16.40 4.98 13.10
C6N NAD C . 16.28 6.34 12.83
O K9P D . 9.96 -2.55 25.41
C5 K9P D . 9.93 -1.35 25.26
C4 K9P D . 9.87 -0.45 26.46
C3 K9P D . 9.42 -1.11 27.74
C2 K9P D . 9.99 -0.41 28.95
C1 K9P D . 9.43 -0.84 30.29
C K9P D . 10.01 -2.11 30.87
N K9P D . 9.94 -0.79 24.03
C10 K9P D . 9.82 -1.43 22.82
C11 K9P D . 9.63 -2.78 22.60
C12 K9P D . 9.48 -3.26 21.33
O1 K9P D . 9.21 -4.56 21.07
C13 K9P D . 9.52 -2.37 20.21
C18 K9P D . 9.71 -0.97 20.45
C9 K9P D . 9.90 -0.51 21.79
C7 K9P D . 10.22 0.85 22.34
C8 K9P D . 11.59 1.46 21.97
C6 K9P D . 10.09 0.66 23.84
C17 K9P D . 9.67 -0.10 19.34
C16 K9P D . 9.45 -0.57 18.08
C15 K9P D . 9.28 -1.91 17.85
C14 K9P D . 9.32 -2.80 18.87
MG MG E . 20.06 8.97 7.39
PA NAD F . -3.72 8.98 -18.38
O1A NAD F . -2.97 8.08 -17.40
O2A NAD F . -2.85 10.18 -18.86
O5B NAD F . -5.02 9.71 -17.76
C5B NAD F . -5.81 9.10 -16.71
C4B NAD F . -6.34 10.14 -15.73
O4B NAD F . -5.19 10.60 -15.06
C3B NAD F . -7.10 11.33 -16.27
O3B NAD F . -7.95 11.85 -15.27
C2B NAD F . -5.97 12.30 -16.50
O2B NAD F . -6.27 13.67 -16.53
C1B NAD F . -5.08 12.01 -15.28
N9A NAD F . -3.69 12.42 -15.45
C8A NAD F . -2.97 12.61 -16.60
N7A NAD F . -1.73 13.11 -16.35
C5A NAD F . -1.64 13.23 -15.00
C6A NAD F . -0.63 13.67 -14.05
N6A NAD F . 0.54 14.08 -14.53
N1A NAD F . -0.84 13.72 -12.72
C2A NAD F . -2.04 13.32 -12.28
N3A NAD F . -3.05 12.91 -13.12
C4A NAD F . -2.91 12.82 -14.44
O3 NAD F . -4.10 8.22 -19.63
PN NAD F . -4.25 8.87 -21.16
O1N NAD F . -2.99 9.60 -21.69
O2N NAD F . -5.67 9.28 -21.39
O5D NAD F . -4.14 7.40 -21.86
C5D NAD F . -2.90 6.89 -22.33
C4D NAD F . -2.73 5.38 -22.27
O4D NAD F . -2.87 4.95 -20.91
C3D NAD F . -3.75 4.58 -23.08
O3D NAD F . -3.34 4.48 -24.47
C2D NAD F . -3.75 3.28 -22.29
O2D NAD F . -2.63 2.47 -22.72
C1D NAD F . -3.55 3.68 -20.80
N1N NAD F . -4.86 3.77 -20.08
C2N NAD F . -5.20 2.81 -19.25
C3N NAD F . -6.43 2.88 -18.65
C7N NAD F . -6.93 1.86 -17.65
O7N NAD F . -8.15 1.57 -17.50
N7N NAD F . -6.04 1.33 -16.89
C4N NAD F . -7.31 3.92 -19.00
C5N NAD F . -6.95 4.91 -19.90
C6N NAD F . -5.70 4.80 -20.41
O K9P G . -18.05 -6.42 -19.39
C5 K9P G . -17.04 -6.42 -20.08
C4 K9P G . -17.02 -7.17 -21.39
C3 K9P G . -18.25 -8.08 -21.54
C2 K9P G . -18.22 -9.00 -22.79
C1 K9P G . -17.98 -10.59 -22.69
C K9P G . -17.90 -11.29 -21.26
N K9P G . -15.94 -5.73 -19.72
C10 K9P G . -15.83 -4.96 -18.54
C11 K9P G . -16.77 -4.78 -17.53
C12 K9P G . -16.45 -4.10 -16.39
O1 K9P G . -17.22 -4.20 -15.26
C13 K9P G . -15.11 -3.57 -16.21
C18 K9P G . -14.17 -3.72 -17.26
C9 K9P G . -14.56 -4.42 -18.46
C7 K9P G . -13.80 -4.65 -19.74
C8 K9P G . -13.59 -3.35 -20.51
C6 K9P G . -14.68 -5.67 -20.48
C17 K9P G . -12.87 -3.18 -17.08
C16 K9P G . -12.53 -2.53 -15.93
C15 K9P G . -13.46 -2.37 -14.91
C14 K9P G . -14.72 -2.88 -15.03
MG MG H . -1.50 10.62 -20.61
#